data_3GMW
#
_entry.id   3GMW
#
_cell.length_a   45.418
_cell.length_b   48.757
_cell.length_c   106.137
_cell.angle_alpha   103.24
_cell.angle_beta   91.29
_cell.angle_gamma   90.18
#
_symmetry.space_group_name_H-M   'P 1'
#
loop_
_entity.id
_entity.type
_entity.pdbx_description
1 polymer B-lactamase
2 polymer 'Beta-lactamase inhibitory protein BLIP-I'
3 non-polymer 'PHOSPHATE ION'
4 water water
#
loop_
_entity_poly.entity_id
_entity_poly.type
_entity_poly.pdbx_seq_one_letter_code
_entity_poly.pdbx_strand_id
1 'polypeptide(L)'
;ETLVKVKDAEDQLGARVGYIELDLNSGKILESFRPEERFPMMSTFKVLLCGAVLSRVDAGQEQLGRRIHYSQNDLVEYSP
VTEKHLTDGMTVRELCSAAITMSDNTAANLLLTTIGGPKELTAFLHNMGDHVTRLDRWEPELNEAIPNDERDTTMPVAMA
TTLRKLLTGELLTLASRQQLIDWMEADKVAGPLLRSALPAGWFIADKSGAGERGSRGIIAALGPDGKPSRIVVIYTTGSQ
ATMDERNRQIAEIGASLIKHW
;
A,C
2 'polypeptide(L)'
;SGFSAEKYEQIQFGMTFDEVWEIGGGEAACDTGGVIGDSILCFTESGDYAPYGGFSFTDEGELWSKRNEYLYKAKTPSVK
LSHYNRTALGMTEAQLWAAVPKDSCVSQGESYPNWPAKTGFEEKYYCAAATGLFPPSASFHLTDGVLTYRYQRSLT
;
B,D
#
# COMPACT_ATOMS: atom_id res chain seq x y z
N GLU A 1 -9.43 -5.92 10.78
CA GLU A 1 -8.50 -6.28 9.64
C GLU A 1 -8.46 -5.23 8.50
N THR A 2 -7.43 -4.38 8.52
CA THR A 2 -7.52 -2.98 8.05
C THR A 2 -7.87 -2.74 6.55
N LEU A 3 -7.14 -3.38 5.64
CA LEU A 3 -7.39 -3.12 4.21
C LEU A 3 -8.80 -3.59 3.86
N VAL A 4 -9.19 -4.74 4.43
CA VAL A 4 -10.58 -5.22 4.34
C VAL A 4 -11.59 -4.10 4.72
N LYS A 5 -11.43 -3.59 5.95
CA LYS A 5 -12.21 -2.52 6.55
C LYS A 5 -12.19 -1.26 5.66
N VAL A 6 -10.98 -0.83 5.31
CA VAL A 6 -10.85 0.27 4.39
C VAL A 6 -11.73 0.01 3.17
N LYS A 7 -11.61 -1.16 2.53
CA LYS A 7 -12.49 -1.53 1.39
C LYS A 7 -14.00 -1.54 1.75
N ASP A 8 -14.33 -2.15 2.90
CA ASP A 8 -15.68 -2.06 3.50
C ASP A 8 -16.25 -0.63 3.61
N ALA A 9 -15.47 0.26 4.24
CA ALA A 9 -15.80 1.68 4.39
C ALA A 9 -16.10 2.40 3.06
N GLU A 10 -15.33 2.08 2.02
CA GLU A 10 -15.53 2.67 0.71
C GLU A 10 -16.97 2.50 0.17
N ASP A 11 -17.48 1.27 0.13
CA ASP A 11 -18.84 1.03 -0.40
C ASP A 11 -19.94 1.31 0.62
N GLN A 12 -19.58 1.41 1.90
CA GLN A 12 -20.54 1.89 2.89
C GLN A 12 -20.74 3.43 2.81
N LEU A 13 -19.70 4.14 2.42
CA LEU A 13 -19.85 5.59 2.21
C LEU A 13 -20.27 5.90 0.77
N GLY A 14 -20.01 4.98 -0.15
CA GLY A 14 -20.17 5.31 -1.56
C GLY A 14 -19.28 6.51 -1.94
N ALA A 15 -18.05 6.52 -1.43
CA ALA A 15 -17.03 7.51 -1.80
C ALA A 15 -15.63 6.90 -1.87
N ARG A 16 -14.75 7.54 -2.59
CA ARG A 16 -13.36 7.16 -2.57
C ARG A 16 -12.81 7.31 -1.14
N VAL A 17 -11.97 6.36 -0.76
CA VAL A 17 -11.21 6.40 0.46
C VAL A 17 -9.75 6.17 0.11
N GLY A 18 -8.87 6.79 0.87
CA GLY A 18 -7.45 6.58 0.71
C GLY A 18 -6.87 6.44 2.10
N TYR A 19 -5.88 5.57 2.25
CA TYR A 19 -5.36 5.15 3.55
C TYR A 19 -3.86 4.83 3.34
N ILE A 20 -3.01 5.25 4.27
CA ILE A 20 -1.67 4.75 4.34
C ILE A 20 -1.20 4.68 5.77
N GLU A 21 -0.44 3.64 6.11
CA GLU A 21 0.25 3.53 7.39
C GLU A 21 1.76 3.40 7.16
N LEU A 22 2.52 4.22 7.85
CA LEU A 22 3.91 4.41 7.52
C LEU A 22 4.60 4.20 8.86
N ASP A 23 5.70 3.45 8.89
CA ASP A 23 6.56 3.39 10.09
C ASP A 23 7.31 4.73 10.29
N LEU A 24 7.17 5.29 11.49
CA LEU A 24 7.66 6.63 11.75
C LEU A 24 9.20 6.71 11.65
N ASN A 25 9.88 5.69 12.17
CA ASN A 25 11.31 5.70 12.19
C ASN A 25 11.90 5.43 10.85
N SER A 26 11.60 4.26 10.27
CA SER A 26 12.23 3.87 9.00
C SER A 26 11.71 4.62 7.79
N GLY A 27 10.46 5.07 7.83
CA GLY A 27 9.89 5.56 6.58
C GLY A 27 9.28 4.44 5.74
N LYS A 28 9.34 3.17 6.18
CA LYS A 28 8.70 2.06 5.39
C LYS A 28 7.20 2.12 5.48
N ILE A 29 6.55 1.92 4.34
CA ILE A 29 5.09 1.85 4.26
C ILE A 29 4.66 0.45 4.62
N LEU A 30 3.69 0.34 5.51
CA LEU A 30 3.16 -0.91 6.03
C LEU A 30 1.97 -1.46 5.28
N GLU A 31 1.10 -0.55 4.84
CA GLU A 31 -0.01 -0.87 3.98
C GLU A 31 -0.56 0.38 3.42
N SER A 32 -1.37 0.24 2.37
CA SER A 32 -1.94 1.37 1.74
C SER A 32 -3.07 1.00 0.80
N PHE A 33 -3.89 2.01 0.49
CA PHE A 33 -5.02 1.82 -0.38
C PHE A 33 -5.29 3.16 -1.03
N ARG A 34 -5.23 3.21 -2.37
CA ARG A 34 -5.18 4.44 -3.14
C ARG A 34 -4.25 5.51 -2.54
N PRO A 35 -3.03 5.15 -2.18
CA PRO A 35 -2.10 6.10 -1.60
C PRO A 35 -1.82 7.27 -2.47
N GLU A 36 -2.03 7.10 -3.77
CA GLU A 36 -1.70 8.16 -4.68
C GLU A 36 -2.90 8.75 -5.42
N GLU A 37 -4.10 8.67 -4.89
CA GLU A 37 -5.15 9.49 -5.44
C GLU A 37 -5.14 10.78 -4.61
N ARG A 38 -5.72 11.86 -5.13
CA ARG A 38 -5.67 13.12 -4.42
C ARG A 38 -6.98 13.33 -3.69
N PHE A 39 -6.90 14.02 -2.57
CA PHE A 39 -8.02 14.28 -1.70
C PHE A 39 -7.84 15.69 -1.15
N PRO A 40 -8.97 16.41 -0.92
CA PRO A 40 -8.98 17.68 -0.15
C PRO A 40 -8.22 17.50 1.15
N MET A 41 -7.25 18.37 1.46
CA MET A 41 -6.70 18.36 2.82
C MET A 41 -7.65 18.79 3.93
N MET A 42 -8.52 19.74 3.68
CA MET A 42 -9.29 20.35 4.76
C MET A 42 -8.35 20.80 5.86
N SER A 43 -8.82 20.75 7.13
CA SER A 43 -8.05 21.33 8.23
C SER A 43 -6.75 20.55 8.50
N THR A 44 -6.53 19.40 7.84
CA THR A 44 -5.23 18.70 8.04
C THR A 44 -4.06 19.58 7.53
N PHE A 45 -4.34 20.48 6.60
CA PHE A 45 -3.25 21.33 6.09
C PHE A 45 -2.63 22.27 7.18
N LYS A 46 -3.42 22.57 8.21
CA LYS A 46 -3.01 23.43 9.36
C LYS A 46 -1.74 22.94 10.03
N VAL A 47 -1.55 21.62 10.09
CA VAL A 47 -0.26 21.15 10.66
C VAL A 47 0.92 21.55 9.74
N LEU A 48 0.74 21.42 8.41
CA LEU A 48 1.84 21.76 7.44
C LEU A 48 2.11 23.23 7.47
N LEU A 49 1.03 23.99 7.54
CA LEU A 49 1.12 25.43 7.74
C LEU A 49 2.01 25.77 8.91
N CYS A 50 1.73 25.17 10.09
CA CYS A 50 2.53 25.48 11.21
C CYS A 50 3.97 24.95 11.19
N GLY A 51 4.23 23.87 10.48
CA GLY A 51 5.61 23.48 10.19
C GLY A 51 6.35 24.53 9.37
N ALA A 52 5.70 25.11 8.36
CA ALA A 52 6.34 26.18 7.57
C ALA A 52 6.63 27.36 8.48
N VAL A 53 5.69 27.67 9.39
CA VAL A 53 5.95 28.68 10.41
C VAL A 53 7.18 28.42 11.31
N LEU A 54 7.26 27.24 11.91
CA LEU A 54 8.37 26.91 12.77
C LEU A 54 9.68 26.99 11.97
N SER A 55 9.61 26.71 10.68
CA SER A 55 10.78 26.63 9.84
C SER A 55 11.32 28.03 9.76
N ARG A 56 10.42 29.02 9.64
CA ARG A 56 10.86 30.41 9.60
C ARG A 56 11.33 30.86 10.97
N VAL A 57 10.68 30.36 12.04
CA VAL A 57 11.21 30.59 13.39
C VAL A 57 12.70 30.09 13.45
N ASP A 58 12.87 28.81 13.08
CA ASP A 58 14.19 28.20 13.13
C ASP A 58 15.19 29.09 12.41
N ALA A 59 14.79 29.68 11.30
CA ALA A 59 15.71 30.49 10.47
C ALA A 59 15.86 31.93 10.93
N GLY A 60 15.28 32.25 12.09
CA GLY A 60 15.33 33.60 12.63
C GLY A 60 14.56 34.58 11.80
N GLN A 61 13.66 34.11 10.94
CA GLN A 61 12.72 34.97 10.15
C GLN A 61 11.33 35.25 10.80
N GLU A 62 11.08 34.66 11.95
CA GLU A 62 9.78 34.74 12.61
C GLU A 62 10.01 34.56 14.08
N GLN A 63 9.18 35.21 14.89
CA GLN A 63 9.20 34.91 16.34
C GLN A 63 7.87 34.33 16.83
N LEU A 64 7.93 33.27 17.63
CA LEU A 64 6.68 32.68 18.13
C LEU A 64 5.98 33.69 19.08
N GLY A 65 6.78 34.59 19.66
CA GLY A 65 6.25 35.61 20.57
C GLY A 65 5.72 36.84 19.87
N ARG A 66 5.77 36.86 18.54
CA ARG A 66 5.38 38.05 17.83
C ARG A 66 3.87 38.14 17.95
N ARG A 67 3.37 39.34 18.28
CA ARG A 67 1.96 39.54 18.44
C ARG A 67 1.35 40.15 17.21
N ILE A 68 0.21 39.60 16.80
CA ILE A 68 -0.43 40.01 15.58
C ILE A 68 -1.75 40.52 16.03
N HIS A 69 -1.99 41.78 15.70
CA HIS A 69 -3.24 42.41 15.94
C HIS A 69 -4.08 42.33 14.67
N TYR A 70 -5.34 41.89 14.74
CA TYR A 70 -6.14 41.75 13.53
C TYR A 70 -7.50 42.36 13.84
N SER A 71 -8.43 42.43 12.87
CA SER A 71 -9.67 43.13 13.12
C SER A 71 -10.84 42.38 12.53
N GLN A 72 -12.03 42.97 12.64
CA GLN A 72 -13.26 42.21 12.39
C GLN A 72 -13.27 41.67 10.97
N ASN A 73 -12.74 42.43 9.99
CA ASN A 73 -12.77 41.91 8.65
C ASN A 73 -11.86 40.69 8.45
N ASP A 74 -10.97 40.36 9.39
CA ASP A 74 -10.18 39.15 9.15
C ASP A 74 -10.93 37.88 9.55
N LEU A 75 -12.04 38.02 10.25
CA LEU A 75 -12.70 36.84 10.81
C LEU A 75 -13.50 36.09 9.75
N VAL A 76 -13.33 34.79 9.63
CA VAL A 76 -14.12 34.04 8.69
C VAL A 76 -14.90 33.03 9.43
N GLU A 77 -15.70 32.22 8.70
CA GLU A 77 -16.47 31.09 9.30
CA GLU A 77 -16.49 31.21 9.45
C GLU A 77 -15.61 30.26 10.25
N TYR A 78 -16.08 30.02 11.49
CA TYR A 78 -15.43 29.13 12.49
C TYR A 78 -14.15 29.71 13.07
N SER A 79 -14.35 30.64 14.01
CA SER A 79 -13.31 31.39 14.70
C SER A 79 -13.56 31.31 16.20
N PRO A 80 -13.60 30.09 16.76
CA PRO A 80 -13.94 30.05 18.21
C PRO A 80 -12.93 30.75 19.15
N VAL A 81 -11.67 30.78 18.79
CA VAL A 81 -10.68 31.42 19.67
C VAL A 81 -10.38 32.86 19.19
N THR A 82 -10.25 33.04 17.87
CA THR A 82 -9.82 34.35 17.39
C THR A 82 -10.89 35.43 17.58
N GLU A 83 -12.17 35.07 17.60
CA GLU A 83 -13.19 36.14 17.79
C GLU A 83 -12.92 36.83 19.09
N LYS A 84 -12.44 36.06 20.06
CA LYS A 84 -12.19 36.58 21.39
C LYS A 84 -10.92 37.48 21.57
N HIS A 85 -10.04 37.57 20.60
CA HIS A 85 -8.86 38.37 20.76
C HIS A 85 -8.80 39.51 19.77
N LEU A 86 -9.94 40.06 19.43
CA LEU A 86 -9.91 41.18 18.47
C LEU A 86 -9.17 42.33 19.04
N THR A 87 -9.31 42.48 20.34
CA THR A 87 -8.78 43.67 20.97
C THR A 87 -7.35 43.52 21.35
N ASP A 88 -6.99 42.38 21.97
CA ASP A 88 -5.67 42.25 22.46
C ASP A 88 -4.71 41.53 21.48
N GLY A 89 -5.19 40.96 20.39
CA GLY A 89 -4.27 40.30 19.42
C GLY A 89 -3.87 38.90 19.90
N MET A 90 -3.07 38.20 19.11
CA MET A 90 -2.57 36.84 19.44
C MET A 90 -1.14 36.72 18.92
N THR A 91 -0.33 35.97 19.63
CA THR A 91 1.04 35.73 19.19
C THR A 91 1.00 34.63 18.11
N VAL A 92 2.08 34.51 17.36
CA VAL A 92 2.21 33.40 16.39
C VAL A 92 2.02 32.00 17.04
N ARG A 93 2.61 31.85 18.23
CA ARG A 93 2.44 30.60 18.90
C ARG A 93 0.98 30.31 19.26
N GLU A 94 0.32 31.24 19.93
CA GLU A 94 -1.15 31.13 20.15
C GLU A 94 -1.95 30.83 18.85
N LEU A 95 -1.51 31.41 17.73
CA LEU A 95 -2.23 31.22 16.46
C LEU A 95 -2.12 29.75 16.01
N CYS A 96 -0.90 29.22 16.08
CA CYS A 96 -0.72 27.84 15.73
C CYS A 96 -1.50 26.92 16.68
N SER A 97 -1.46 27.21 17.98
CA SER A 97 -2.27 26.44 18.89
C SER A 97 -3.79 26.42 18.55
N ALA A 98 -4.31 27.58 18.22
CA ALA A 98 -5.74 27.72 17.89
C ALA A 98 -6.07 27.03 16.56
N ALA A 99 -5.21 27.23 15.58
CA ALA A 99 -5.43 26.57 14.29
C ALA A 99 -5.44 25.00 14.38
N ILE A 100 -4.45 24.47 15.12
CA ILE A 100 -4.30 23.03 15.18
C ILE A 100 -5.24 22.42 16.17
N THR A 101 -5.34 22.95 17.41
CA THR A 101 -6.10 22.19 18.40
C THR A 101 -7.59 22.45 18.26
N MET A 102 -7.99 23.65 17.82
CA MET A 102 -9.44 24.00 17.72
C MET A 102 -9.91 24.25 16.27
N SER A 103 -9.02 24.05 15.30
CA SER A 103 -9.29 24.25 13.87
C SER A 103 -9.85 25.65 13.54
N ASP A 104 -9.38 26.65 14.29
CA ASP A 104 -9.81 28.02 14.06
C ASP A 104 -9.40 28.47 12.63
N ASN A 105 -10.39 28.73 11.79
CA ASN A 105 -10.17 29.27 10.40
C ASN A 105 -9.43 30.60 10.30
N THR A 106 -9.82 31.57 11.12
CA THR A 106 -9.14 32.85 11.03
C THR A 106 -7.70 32.68 11.41
N ALA A 107 -7.45 31.82 12.41
CA ALA A 107 -6.09 31.68 12.88
C ALA A 107 -5.21 31.24 11.73
N ALA A 108 -5.74 30.27 10.98
CA ALA A 108 -5.04 29.66 9.86
C ALA A 108 -4.77 30.71 8.78
N ASN A 109 -5.79 31.54 8.48
CA ASN A 109 -5.53 32.63 7.49
C ASN A 109 -4.45 33.66 7.88
N LEU A 110 -4.54 34.08 9.15
CA LEU A 110 -3.57 35.00 9.78
C LEU A 110 -2.17 34.41 9.69
N LEU A 111 -2.04 33.13 10.01
CA LEU A 111 -0.75 32.43 9.83
C LEU A 111 -0.33 32.37 8.33
N LEU A 112 -1.28 32.13 7.42
CA LEU A 112 -0.93 32.06 5.99
C LEU A 112 -0.37 33.46 5.58
N THR A 113 -0.99 34.52 6.09
CA THR A 113 -0.45 35.88 5.90
C THR A 113 1.02 35.98 6.34
N THR A 114 1.37 35.42 7.51
CA THR A 114 2.78 35.57 7.99
C THR A 114 3.79 34.99 6.99
N ILE A 115 3.43 33.92 6.29
CA ILE A 115 4.44 33.27 5.45
C ILE A 115 4.28 33.74 4.00
N GLY A 116 3.27 34.57 3.78
CA GLY A 116 3.03 35.14 2.47
C GLY A 116 2.02 34.35 1.66
N GLY A 117 1.19 33.50 2.25
CA GLY A 117 0.08 32.95 1.43
C GLY A 117 0.20 31.49 1.07
N PRO A 118 -0.86 30.91 0.48
CA PRO A 118 -0.91 29.53 0.03
C PRO A 118 0.21 29.11 -0.88
N LYS A 119 0.63 29.98 -1.76
CA LYS A 119 1.71 29.63 -2.70
C LYS A 119 3.04 29.52 -1.94
N GLU A 120 3.24 30.30 -0.87
CA GLU A 120 4.44 30.10 -0.04
C GLU A 120 4.35 28.79 0.72
N LEU A 121 3.18 28.39 1.17
CA LEU A 121 3.09 27.05 1.79
C LEU A 121 3.47 25.91 0.80
N THR A 122 2.91 25.96 -0.43
CA THR A 122 3.26 25.04 -1.58
C THR A 122 4.78 25.08 -1.89
N ALA A 123 5.39 26.27 -1.92
CA ALA A 123 6.83 26.42 -2.18
C ALA A 123 7.64 25.81 -1.06
N PHE A 124 7.18 26.02 0.18
CA PHE A 124 7.90 25.42 1.32
C PHE A 124 7.86 23.89 1.16
N LEU A 125 6.67 23.37 0.88
CA LEU A 125 6.48 21.93 0.76
C LEU A 125 7.34 21.45 -0.39
N HIS A 126 7.27 22.16 -1.53
CA HIS A 126 8.00 21.77 -2.74
C HIS A 126 9.53 21.71 -2.47
N ASN A 127 10.02 22.71 -1.76
CA ASN A 127 11.42 22.79 -1.39
CA ASN A 127 11.43 22.77 -1.37
C ASN A 127 11.89 21.73 -0.38
N MET A 128 10.98 21.01 0.27
CA MET A 128 11.46 19.86 1.08
C MET A 128 11.16 18.50 0.40
N GLY A 129 10.91 18.52 -0.90
CA GLY A 129 10.69 17.25 -1.61
C GLY A 129 9.27 16.79 -1.89
N ASP A 130 8.26 17.50 -1.37
CA ASP A 130 6.87 17.10 -1.60
C ASP A 130 6.40 17.86 -2.78
N HIS A 131 6.38 17.23 -3.96
CA HIS A 131 5.97 17.91 -5.22
C HIS A 131 4.51 17.66 -5.58
N VAL A 132 3.76 17.16 -4.61
CA VAL A 132 2.38 16.84 -4.83
C VAL A 132 1.43 17.75 -4.00
N THR A 133 1.69 17.91 -2.71
CA THR A 133 0.78 18.67 -1.90
C THR A 133 0.82 20.12 -2.33
N ARG A 134 -0.36 20.73 -2.40
CA ARG A 134 -0.49 22.12 -2.81
C ARG A 134 -1.63 22.77 -2.05
N LEU A 135 -1.39 24.01 -1.63
CA LEU A 135 -2.46 24.79 -1.06
C LEU A 135 -2.69 25.87 -2.11
N ASP A 136 -3.95 26.18 -2.39
CA ASP A 136 -4.27 27.19 -3.40
C ASP A 136 -5.19 28.27 -2.80
N ARG A 137 -6.00 27.97 -1.81
CA ARG A 137 -6.92 29.01 -1.37
C ARG A 137 -6.85 29.24 0.13
N TRP A 138 -7.58 30.23 0.63
CA TRP A 138 -7.62 30.60 2.04
C TRP A 138 -8.82 29.85 2.61
N GLU A 139 -9.03 29.95 3.94
CA GLU A 139 -10.26 29.45 4.62
C GLU A 139 -11.32 30.50 4.30
N PRO A 140 -12.57 30.10 4.08
CA PRO A 140 -13.00 28.72 4.20
C PRO A 140 -13.07 28.04 2.84
N GLU A 141 -12.81 28.74 1.74
CA GLU A 141 -12.91 28.15 0.39
C GLU A 141 -12.04 26.94 0.07
N LEU A 142 -10.89 26.79 0.72
CA LEU A 142 -10.04 25.63 0.44
C LEU A 142 -10.72 24.29 0.70
N ASN A 143 -11.86 24.30 1.41
CA ASN A 143 -12.60 23.12 1.80
C ASN A 143 -13.72 22.70 0.79
N GLU A 144 -13.78 23.35 -0.35
CA GLU A 144 -14.88 23.05 -1.26
C GLU A 144 -14.96 21.64 -1.81
N ALA A 145 -13.82 21.08 -2.27
CA ALA A 145 -13.78 19.67 -2.60
C ALA A 145 -14.61 19.42 -3.90
N ILE A 146 -14.51 20.35 -4.84
CA ILE A 146 -15.12 20.15 -6.14
C ILE A 146 -14.61 18.81 -6.68
N PRO A 147 -15.48 17.95 -7.26
CA PRO A 147 -14.87 16.69 -7.74
C PRO A 147 -13.79 16.87 -8.83
N ASN A 148 -12.72 16.13 -8.76
CA ASN A 148 -11.58 16.31 -9.67
C ASN A 148 -10.80 17.61 -9.56
N ASP A 149 -11.27 18.56 -8.76
CA ASP A 149 -10.43 19.75 -8.58
C ASP A 149 -9.21 19.31 -7.78
N GLU A 150 -8.00 19.63 -8.27
CA GLU A 150 -6.77 19.30 -7.53
C GLU A 150 -6.28 20.44 -6.60
N ARG A 151 -6.93 21.60 -6.67
CA ARG A 151 -6.61 22.68 -5.74
C ARG A 151 -6.67 22.15 -4.29
N ASP A 152 -5.72 22.58 -3.48
CA ASP A 152 -5.75 22.28 -2.03
C ASP A 152 -5.87 20.78 -1.65
N THR A 153 -5.20 19.91 -2.42
CA THR A 153 -5.27 18.46 -2.19
C THR A 153 -3.88 17.95 -1.84
N THR A 154 -3.88 16.73 -1.28
CA THR A 154 -2.64 16.05 -1.15
C THR A 154 -2.90 14.59 -1.56
N MET A 155 -1.90 13.73 -1.39
CA MET A 155 -2.11 12.28 -1.57
C MET A 155 -1.83 11.64 -0.24
N PRO A 156 -2.49 10.52 0.10
CA PRO A 156 -2.15 9.99 1.40
C PRO A 156 -0.67 9.80 1.60
N VAL A 157 0.06 9.34 0.57
CA VAL A 157 1.49 9.08 0.73
C VAL A 157 2.25 10.39 0.79
N ALA A 158 1.79 11.44 0.11
CA ALA A 158 2.60 12.66 0.16
C ALA A 158 2.45 13.27 1.55
N MET A 159 1.22 13.26 2.08
CA MET A 159 0.98 13.84 3.43
C MET A 159 1.63 13.02 4.52
N ALA A 160 1.61 11.69 4.38
CA ALA A 160 2.27 10.82 5.41
C ALA A 160 3.79 11.03 5.49
N THR A 161 4.39 11.10 4.31
CA THR A 161 5.85 11.31 4.18
C THR A 161 6.23 12.69 4.62
N THR A 162 5.48 13.71 4.18
CA THR A 162 5.78 15.04 4.66
C THR A 162 5.63 15.16 6.18
N LEU A 163 4.58 14.56 6.78
CA LEU A 163 4.39 14.67 8.23
C LEU A 163 5.57 14.00 8.92
N ARG A 164 6.03 12.90 8.36
CA ARG A 164 7.18 12.18 8.94
C ARG A 164 8.38 13.09 8.95
N LYS A 165 8.72 13.63 7.80
CA LYS A 165 9.81 14.59 7.73
C LYS A 165 9.70 15.78 8.71
N LEU A 166 8.51 16.29 8.96
CA LEU A 166 8.39 17.47 9.82
C LEU A 166 8.63 17.05 11.24
N LEU A 167 8.07 15.90 11.60
CA LEU A 167 8.03 15.39 12.96
C LEU A 167 9.31 14.66 13.43
N THR A 168 10.14 14.18 12.52
CA THR A 168 11.36 13.54 13.01
C THR A 168 12.59 13.91 12.21
N GLY A 169 12.45 14.55 11.07
CA GLY A 169 13.66 14.83 10.31
C GLY A 169 14.64 15.71 11.06
N GLU A 170 15.52 16.34 10.31
CA GLU A 170 16.23 17.46 10.84
C GLU A 170 15.62 18.70 10.21
N LEU A 171 14.50 18.52 9.50
CA LEU A 171 13.80 19.58 8.78
C LEU A 171 13.50 20.77 9.68
N LEU A 172 13.05 20.48 10.89
CA LEU A 172 12.92 21.48 11.91
C LEU A 172 13.91 21.14 13.03
N THR A 173 14.24 22.11 13.88
CA THR A 173 15.01 21.81 15.08
C THR A 173 14.17 20.97 16.05
N LEU A 174 14.87 20.48 17.08
CA LEU A 174 14.26 19.62 18.07
C LEU A 174 13.16 20.37 18.80
N ALA A 175 13.42 21.65 19.16
CA ALA A 175 12.41 22.46 19.82
C ALA A 175 11.14 22.65 18.94
N SER A 176 11.34 22.91 17.65
CA SER A 176 10.21 23.00 16.72
C SER A 176 9.49 21.68 16.44
N ARG A 177 10.20 20.58 16.27
CA ARG A 177 9.48 19.29 16.06
C ARG A 177 8.63 19.01 17.22
N GLN A 178 9.18 19.31 18.40
CA GLN A 178 8.46 19.03 19.64
C GLN A 178 7.22 19.91 19.86
N GLN A 179 7.37 21.20 19.60
CA GLN A 179 6.20 22.07 19.66
C GLN A 179 5.15 21.60 18.63
N LEU A 180 5.59 21.25 17.42
CA LEU A 180 4.61 20.86 16.38
C LEU A 180 3.82 19.65 16.88
N ILE A 181 4.51 18.70 17.48
CA ILE A 181 3.77 17.49 17.83
C ILE A 181 3.03 17.71 19.15
N ASP A 182 3.54 18.56 20.02
CA ASP A 182 2.75 19.01 21.19
C ASP A 182 1.41 19.63 20.82
N TRP A 183 1.40 20.45 19.78
CA TRP A 183 0.15 21.10 19.32
C TRP A 183 -0.86 20.01 18.88
N MET A 184 -0.39 19.07 18.09
CA MET A 184 -1.23 17.96 17.66
C MET A 184 -1.68 17.08 18.83
N GLU A 185 -0.84 16.88 19.85
CA GLU A 185 -1.28 16.03 20.95
C GLU A 185 -2.45 16.65 21.67
N ALA A 186 -2.43 17.99 21.81
CA ALA A 186 -3.48 18.69 22.54
C ALA A 186 -4.67 18.84 21.64
N ASP A 187 -4.65 18.16 20.51
CA ASP A 187 -5.74 18.26 19.57
C ASP A 187 -6.93 18.22 20.48
N LYS A 188 -7.98 19.00 20.24
CA LYS A 188 -9.12 18.91 21.17
C LYS A 188 -10.41 18.42 20.48
N VAL A 189 -10.45 18.50 19.15
CA VAL A 189 -11.69 18.27 18.39
C VAL A 189 -11.57 17.06 17.41
N ALA A 190 -10.94 15.98 17.87
CA ALA A 190 -10.73 14.73 17.10
C ALA A 190 -11.01 13.43 17.95
N GLY A 191 -11.85 13.57 18.97
CA GLY A 191 -12.07 12.49 19.95
C GLY A 191 -12.76 11.28 19.35
N PRO A 192 -13.60 11.50 18.31
CA PRO A 192 -14.45 10.45 17.77
C PRO A 192 -13.78 9.69 16.62
N LEU A 193 -12.53 10.03 16.30
CA LEU A 193 -11.82 9.33 15.22
C LEU A 193 -10.82 8.32 15.79
N LEU A 194 -9.54 8.47 15.46
CA LEU A 194 -8.63 7.46 15.99
C LEU A 194 -8.66 7.42 17.53
N ARG A 195 -8.73 8.60 18.18
CA ARG A 195 -8.59 8.67 19.65
C ARG A 195 -9.65 7.78 20.31
N SER A 196 -10.81 7.79 19.66
CA SER A 196 -11.91 6.87 19.86
C SER A 196 -11.55 5.38 20.17
N ALA A 197 -10.64 4.81 19.39
CA ALA A 197 -10.30 3.39 19.46
C ALA A 197 -8.90 3.16 20.01
N LEU A 198 -8.37 4.14 20.73
CA LEU A 198 -7.02 4.01 21.20
C LEU A 198 -7.05 3.55 22.65
N PRO A 199 -6.16 2.63 23.03
CA PRO A 199 -6.13 2.09 24.37
C PRO A 199 -5.17 2.85 25.25
N ALA A 200 -5.45 2.81 26.54
CA ALA A 200 -4.61 3.48 27.54
C ALA A 200 -3.14 3.22 27.31
N GLY A 201 -2.33 4.16 27.71
CA GLY A 201 -0.91 4.03 27.45
C GLY A 201 -0.52 4.52 26.07
N TRP A 202 -1.44 4.48 25.11
CA TRP A 202 -1.08 4.90 23.73
C TRP A 202 -0.82 6.40 23.62
N PHE A 203 0.16 6.77 22.82
CA PHE A 203 0.39 8.17 22.47
C PHE A 203 -0.40 8.46 21.17
N ILE A 204 -1.01 9.63 21.06
CA ILE A 204 -1.67 10.03 19.83
C ILE A 204 -1.46 11.54 19.61
N ALA A 205 -0.89 11.92 18.47
CA ALA A 205 -0.94 13.32 18.11
C ALA A 205 -1.59 13.38 16.74
N ASP A 206 -2.68 14.10 16.59
CA ASP A 206 -3.38 14.00 15.30
C ASP A 206 -3.93 15.34 14.87
N LYS A 207 -4.46 15.43 13.66
CA LYS A 207 -5.22 16.58 13.19
C LYS A 207 -6.34 16.08 12.26
N SER A 208 -7.59 16.44 12.53
CA SER A 208 -8.65 15.96 11.68
C SER A 208 -9.10 17.12 10.79
N GLY A 209 -9.89 16.79 9.76
CA GLY A 209 -10.48 17.79 8.82
C GLY A 209 -11.81 17.26 8.26
N ALA A 210 -12.68 18.20 7.91
CA ALA A 210 -13.98 17.95 7.32
C ALA A 210 -14.15 19.06 6.35
N GLY A 211 -14.80 18.77 5.23
CA GLY A 211 -14.95 19.82 4.21
C GLY A 211 -16.32 19.68 3.58
N GLU A 212 -16.54 20.21 2.40
CA GLU A 212 -17.87 19.98 1.84
C GLU A 212 -17.94 18.64 1.10
N ARG A 213 -19.15 18.29 0.63
CA ARG A 213 -19.39 17.11 -0.20
C ARG A 213 -18.97 15.85 0.51
N GLY A 214 -19.22 15.84 1.81
CA GLY A 214 -18.93 14.67 2.64
C GLY A 214 -17.45 14.48 2.93
N SER A 215 -16.60 15.43 2.55
CA SER A 215 -15.14 15.16 2.69
C SER A 215 -14.62 15.09 4.16
N ARG A 216 -13.84 14.07 4.51
CA ARG A 216 -13.41 13.93 5.88
C ARG A 216 -12.00 13.39 5.86
N GLY A 217 -11.21 13.60 6.91
CA GLY A 217 -9.91 12.93 7.03
C GLY A 217 -9.18 13.09 8.35
N ILE A 218 -8.07 12.36 8.51
CA ILE A 218 -7.21 12.56 9.66
C ILE A 218 -5.79 12.19 9.33
N ILE A 219 -4.87 12.85 10.03
CA ILE A 219 -3.49 12.51 10.00
C ILE A 219 -3.07 12.32 11.42
N ALA A 220 -2.22 11.35 11.66
CA ALA A 220 -1.88 11.08 13.07
C ALA A 220 -0.53 10.38 13.17
N ALA A 221 0.20 10.69 14.22
CA ALA A 221 1.32 9.90 14.67
C ALA A 221 0.87 9.27 15.98
N LEU A 222 1.02 7.95 16.06
CA LEU A 222 0.53 7.25 17.23
C LEU A 222 1.37 6.02 17.52
N GLY A 223 1.12 5.45 18.72
CA GLY A 223 1.70 4.15 19.09
C GLY A 223 1.53 3.74 20.54
N PRO A 224 2.01 2.55 20.91
CA PRO A 224 1.99 2.06 22.28
C PRO A 224 2.98 2.73 23.26
N ASP A 225 2.75 2.54 24.57
CA ASP A 225 3.75 2.93 25.56
C ASP A 225 4.11 4.39 25.44
N GLY A 226 3.10 5.24 25.23
CA GLY A 226 3.28 6.69 25.20
C GLY A 226 4.26 7.23 24.17
N LYS A 227 4.55 6.42 23.16
CA LYS A 227 5.49 6.88 22.14
C LYS A 227 4.93 6.66 20.72
N PRO A 228 5.07 7.66 19.85
CA PRO A 228 4.52 7.49 18.51
C PRO A 228 5.49 6.62 17.74
N SER A 229 5.01 5.60 17.06
CA SER A 229 5.90 4.82 16.20
C SER A 229 5.39 4.78 14.76
N ARG A 230 4.15 5.21 14.52
CA ARG A 230 3.62 5.17 13.16
C ARG A 230 2.85 6.44 12.78
N ILE A 231 2.78 6.69 11.49
CA ILE A 231 1.97 7.75 10.88
C ILE A 231 0.82 7.06 10.16
N VAL A 232 -0.41 7.53 10.39
CA VAL A 232 -1.59 7.04 9.72
C VAL A 232 -2.28 8.24 9.12
N VAL A 233 -2.69 8.09 7.85
CA VAL A 233 -3.41 9.13 7.15
C VAL A 233 -4.58 8.54 6.39
N ILE A 234 -5.74 9.13 6.57
CA ILE A 234 -6.97 8.63 5.92
C ILE A 234 -7.71 9.81 5.33
N TYR A 235 -8.06 9.74 4.06
CA TYR A 235 -8.95 10.71 3.47
C TYR A 235 -10.16 10.02 2.80
N THR A 236 -11.28 10.72 2.74
CA THR A 236 -12.45 10.26 2.01
C THR A 236 -13.18 11.48 1.47
N THR A 237 -13.82 11.32 0.32
CA THR A 237 -14.45 12.43 -0.31
C THR A 237 -15.48 11.88 -1.24
N GLY A 238 -16.53 12.66 -1.47
CA GLY A 238 -17.59 12.27 -2.38
C GLY A 238 -18.83 11.74 -1.71
N SER A 239 -18.72 11.32 -0.45
CA SER A 239 -19.78 10.56 0.19
C SER A 239 -21.09 11.30 0.58
N GLN A 240 -22.22 10.59 0.50
CA GLN A 240 -23.53 11.14 0.90
C GLN A 240 -23.97 10.72 2.31
N ALA A 241 -23.29 9.75 2.92
CA ALA A 241 -23.61 9.29 4.29
C ALA A 241 -23.83 10.46 5.27
N THR A 242 -24.07 10.15 6.55
CA THR A 242 -24.16 11.18 7.59
C THR A 242 -22.79 11.51 8.12
N MET A 243 -22.74 12.60 8.89
CA MET A 243 -21.50 13.08 9.48
C MET A 243 -21.01 12.03 10.45
N ASP A 244 -21.93 11.45 11.22
CA ASP A 244 -21.54 10.40 12.16
C ASP A 244 -21.22 9.07 11.47
N GLU A 245 -21.87 8.75 10.35
CA GLU A 245 -21.53 7.49 9.69
C GLU A 245 -20.05 7.44 9.27
N ARG A 246 -19.66 8.33 8.37
CA ARG A 246 -18.24 8.52 8.05
C ARG A 246 -17.35 8.53 9.30
N ASN A 247 -17.73 9.32 10.30
CA ASN A 247 -17.03 9.28 11.57
C ASN A 247 -16.77 7.82 11.93
N ARG A 248 -17.87 7.07 11.97
CA ARG A 248 -17.85 5.65 12.27
C ARG A 248 -16.89 4.85 11.39
N GLN A 249 -16.97 5.02 10.08
CA GLN A 249 -16.07 4.32 9.16
C GLN A 249 -14.57 4.48 9.45
N ILE A 250 -14.20 5.65 10.00
CA ILE A 250 -12.79 6.00 10.27
C ILE A 250 -12.31 5.50 11.65
N ALA A 251 -13.17 5.63 12.66
CA ALA A 251 -12.94 4.96 13.92
C ALA A 251 -12.70 3.49 13.60
N GLU A 252 -13.54 2.93 12.73
CA GLU A 252 -13.48 1.52 12.28
C GLU A 252 -12.14 1.11 11.64
N ILE A 253 -11.60 1.95 10.77
CA ILE A 253 -10.26 1.68 10.25
C ILE A 253 -9.19 1.73 11.33
N GLY A 254 -9.39 2.57 12.33
CA GLY A 254 -8.42 2.70 13.41
C GLY A 254 -8.59 1.67 14.52
N ALA A 255 -9.82 1.21 14.73
CA ALA A 255 -10.03 0.08 15.63
C ALA A 255 -9.34 -1.14 15.00
N SER A 256 -9.32 -1.18 13.67
CA SER A 256 -8.72 -2.31 13.02
C SER A 256 -7.20 -2.20 13.05
N LEU A 257 -6.63 -1.12 12.56
CA LEU A 257 -5.16 -1.09 12.53
C LEU A 257 -4.55 -1.01 13.95
N ILE A 258 -5.39 -0.69 14.93
CA ILE A 258 -5.00 -0.77 16.33
C ILE A 258 -5.01 -2.22 16.82
N LYS A 259 -6.06 -2.95 16.46
CA LYS A 259 -6.12 -4.38 16.78
C LYS A 259 -4.93 -5.17 16.14
N HIS A 260 -4.71 -4.91 14.85
CA HIS A 260 -3.72 -5.62 14.03
C HIS A 260 -2.37 -4.88 13.90
N TRP A 261 -2.02 -4.10 14.90
CA TRP A 261 -0.74 -3.39 14.95
C TRP A 261 0.48 -4.31 14.78
N PHE B 3 -22.49 19.46 25.64
CA PHE B 3 -22.96 20.91 25.61
C PHE B 3 -23.97 20.89 24.51
N SER B 4 -24.84 21.90 24.41
CA SER B 4 -25.94 21.85 23.39
C SER B 4 -26.58 23.25 23.29
N ALA B 5 -27.50 23.45 22.35
CA ALA B 5 -28.09 24.80 22.17
C ALA B 5 -29.02 25.15 23.33
N GLU B 6 -29.65 24.12 23.80
CA GLU B 6 -30.60 24.21 24.89
C GLU B 6 -29.82 24.66 26.17
N LYS B 7 -28.61 24.15 26.40
CA LYS B 7 -27.77 24.75 27.48
C LYS B 7 -27.38 26.20 27.20
N TYR B 8 -27.05 26.49 25.95
CA TYR B 8 -26.76 27.90 25.62
C TYR B 8 -27.91 28.87 25.99
N GLU B 9 -29.15 28.40 25.79
CA GLU B 9 -30.29 29.22 26.10
C GLU B 9 -30.45 29.28 27.60
N GLN B 10 -30.07 28.25 28.30
CA GLN B 10 -30.13 28.41 29.81
C GLN B 10 -29.19 29.47 30.41
N ILE B 11 -28.03 29.62 29.78
CA ILE B 11 -27.05 30.58 30.27
C ILE B 11 -27.53 32.03 30.19
N GLN B 12 -27.34 32.79 31.26
CA GLN B 12 -27.88 34.16 31.36
C GLN B 12 -26.87 35.25 31.69
N PHE B 13 -27.00 36.38 31.04
CA PHE B 13 -26.26 37.51 31.40
C PHE B 13 -26.32 37.81 32.88
N GLY B 14 -25.17 38.19 33.44
CA GLY B 14 -24.97 38.29 34.87
C GLY B 14 -24.46 37.07 35.59
N MET B 15 -24.56 35.87 35.00
CA MET B 15 -24.23 34.64 35.73
C MET B 15 -22.72 34.57 35.98
N THR B 16 -22.28 33.83 37.02
CA THR B 16 -20.85 33.84 37.38
C THR B 16 -20.21 32.72 36.53
N PHE B 17 -18.88 32.67 36.57
CA PHE B 17 -18.10 31.70 35.83
C PHE B 17 -18.56 30.32 36.22
N ASP B 18 -18.79 30.14 37.52
CA ASP B 18 -19.13 28.81 37.99
C ASP B 18 -20.53 28.36 37.60
N GLU B 19 -21.45 29.29 37.52
CA GLU B 19 -22.79 28.99 37.05
C GLU B 19 -22.80 28.61 35.56
N VAL B 20 -22.14 29.45 34.74
CA VAL B 20 -21.99 29.10 33.32
C VAL B 20 -21.34 27.75 33.07
N TRP B 21 -20.24 27.52 33.76
CA TRP B 21 -19.52 26.28 33.64
C TRP B 21 -20.42 25.05 33.96
N GLU B 22 -21.18 25.16 35.03
CA GLU B 22 -22.11 24.12 35.45
C GLU B 22 -23.20 23.91 34.40
N ILE B 23 -23.92 24.95 34.00
CA ILE B 23 -24.96 24.74 32.95
C ILE B 23 -24.32 24.22 31.66
N GLY B 24 -23.18 24.79 31.26
CA GLY B 24 -22.55 24.37 29.99
C GLY B 24 -22.10 22.88 29.92
N GLY B 25 -21.93 22.20 31.05
CA GLY B 25 -21.39 20.84 30.97
C GLY B 25 -20.10 20.62 31.71
N GLY B 26 -19.61 21.63 32.37
CA GLY B 26 -18.36 21.40 33.12
C GLY B 26 -17.21 20.87 32.27
N GLU B 27 -16.34 20.13 32.94
CA GLU B 27 -15.08 19.73 32.35
C GLU B 27 -15.21 18.87 31.13
N ALA B 28 -16.31 18.14 31.01
CA ALA B 28 -16.50 17.23 29.87
C ALA B 28 -16.71 17.97 28.55
N ALA B 29 -17.45 19.06 28.61
CA ALA B 29 -17.87 19.71 27.41
C ALA B 29 -17.16 21.06 27.18
N CYS B 30 -16.59 21.64 28.24
CA CYS B 30 -16.05 23.00 28.26
C CYS B 30 -14.57 23.11 28.58
N ASP B 31 -13.95 24.19 28.07
CA ASP B 31 -12.53 24.49 28.22
C ASP B 31 -12.40 25.89 28.73
N THR B 32 -11.33 26.12 29.48
CA THR B 32 -10.99 27.49 29.81
C THR B 32 -9.49 27.60 29.81
N GLY B 33 -8.93 28.78 29.98
CA GLY B 33 -7.45 28.93 29.97
C GLY B 33 -6.73 28.74 28.60
N GLY B 34 -5.40 28.76 28.62
CA GLY B 34 -4.62 28.80 27.31
C GLY B 34 -5.09 29.98 26.44
N VAL B 35 -5.35 29.71 25.16
CA VAL B 35 -5.74 30.78 24.26
C VAL B 35 -7.20 31.26 24.52
N ILE B 36 -7.96 30.57 25.38
CA ILE B 36 -9.30 30.98 25.74
C ILE B 36 -9.27 32.02 26.87
N GLY B 37 -8.18 32.02 27.62
CA GLY B 37 -8.05 32.90 28.79
C GLY B 37 -9.15 32.68 29.84
N ASP B 38 -9.56 33.77 30.49
CA ASP B 38 -10.55 33.72 31.58
C ASP B 38 -11.98 33.27 31.14
N SER B 39 -12.21 33.15 29.83
CA SER B 39 -13.53 32.92 29.25
C SER B 39 -13.73 31.40 29.21
N ILE B 40 -14.88 30.94 28.66
CA ILE B 40 -15.24 29.55 28.51
C ILE B 40 -15.69 29.28 27.06
N LEU B 41 -15.20 28.16 26.52
CA LEU B 41 -15.61 27.64 25.26
C LEU B 41 -16.20 26.22 25.54
N CYS B 42 -17.47 25.99 25.16
CA CYS B 42 -18.01 24.60 25.18
C CYS B 42 -18.35 24.09 23.76
N PHE B 43 -18.07 22.80 23.49
CA PHE B 43 -18.27 22.21 22.17
C PHE B 43 -19.32 21.11 22.24
N THR B 44 -20.14 20.96 21.21
CA THR B 44 -21.26 20.04 21.33
C THR B 44 -20.84 18.61 21.04
N GLU B 45 -19.66 18.40 20.49
CA GLU B 45 -19.25 17.06 20.10
C GLU B 45 -17.85 17.33 19.65
N SER B 46 -17.07 16.30 19.40
CA SER B 46 -15.71 16.45 18.92
C SER B 46 -15.81 16.43 17.43
N GLY B 47 -14.73 16.73 16.73
CA GLY B 47 -14.84 16.73 15.28
C GLY B 47 -14.49 18.12 14.79
N ASP B 48 -13.96 18.18 13.58
CA ASP B 48 -13.63 19.44 12.89
C ASP B 48 -14.91 20.32 12.82
N TYR B 49 -14.79 21.59 13.20
CA TYR B 49 -15.88 22.54 13.04
C TYR B 49 -17.07 22.17 13.89
N ALA B 50 -16.83 21.52 15.02
CA ALA B 50 -17.91 21.19 15.89
C ALA B 50 -18.59 22.47 16.36
N PRO B 51 -19.91 22.49 16.42
CA PRO B 51 -20.68 23.59 17.01
C PRO B 51 -20.21 23.98 18.42
N TYR B 52 -20.21 25.28 18.74
CA TYR B 52 -19.67 25.68 20.02
C TYR B 52 -20.43 26.90 20.53
N GLY B 53 -20.32 27.12 21.84
CA GLY B 53 -20.68 28.39 22.46
C GLY B 53 -19.51 28.98 23.23
N GLY B 54 -19.37 30.32 23.24
CA GLY B 54 -18.32 30.93 24.05
C GLY B 54 -18.91 31.96 24.99
N PHE B 55 -18.27 32.12 26.16
CA PHE B 55 -18.79 32.97 27.21
C PHE B 55 -17.65 33.76 27.84
N SER B 56 -17.82 35.08 27.97
CA SER B 56 -16.81 35.95 28.63
C SER B 56 -17.45 36.73 29.76
N PHE B 57 -16.63 37.09 30.75
CA PHE B 57 -17.04 37.60 32.09
C PHE B 57 -16.43 38.96 32.34
N THR B 58 -17.10 39.81 33.11
CA THR B 58 -16.48 41.06 33.51
C THR B 58 -15.41 40.81 34.57
N ASP B 59 -14.61 41.87 34.84
CA ASP B 59 -13.59 41.86 35.90
C ASP B 59 -14.29 41.53 37.19
N GLU B 60 -15.57 41.82 37.30
CA GLU B 60 -16.30 41.47 38.48
C GLU B 60 -16.87 40.08 38.45
N GLY B 61 -16.57 39.30 37.40
CA GLY B 61 -17.04 37.90 37.40
C GLY B 61 -18.40 37.64 36.73
N GLU B 62 -18.99 38.63 36.06
CA GLU B 62 -20.39 38.39 35.52
C GLU B 62 -20.45 38.19 34.02
N LEU B 63 -21.28 37.26 33.52
CA LEU B 63 -21.39 37.01 32.08
C LEU B 63 -21.93 38.24 31.30
N TRP B 64 -21.09 38.79 30.39
CA TRP B 64 -21.46 39.94 29.58
C TRP B 64 -21.59 39.55 28.12
N SER B 65 -21.10 38.35 27.76
CA SER B 65 -21.07 37.99 26.32
C SER B 65 -21.37 36.56 26.02
N LYS B 66 -22.26 36.31 25.03
CA LYS B 66 -22.52 34.90 24.66
C LYS B 66 -22.28 34.91 23.19
N ARG B 67 -21.66 33.87 22.70
CA ARG B 67 -21.53 33.72 21.27
C ARG B 67 -21.57 32.27 20.85
N ASN B 68 -21.92 31.99 19.56
CA ASN B 68 -21.78 30.66 19.03
C ASN B 68 -21.69 30.59 17.51
N GLU B 69 -21.23 29.43 16.99
CA GLU B 69 -21.43 29.14 15.59
C GLU B 69 -21.94 27.72 15.48
N TYR B 70 -23.03 27.57 14.72
CA TYR B 70 -23.54 26.27 14.26
C TYR B 70 -24.35 25.59 15.31
N LEU B 71 -24.68 26.28 16.38
CA LEU B 71 -25.61 25.67 17.32
C LEU B 71 -27.00 25.67 16.73
N TYR B 72 -27.29 26.60 15.78
CA TYR B 72 -28.56 26.67 15.11
C TYR B 72 -28.34 26.64 13.62
N LYS B 73 -29.36 26.23 12.85
CA LYS B 73 -29.28 26.24 11.38
C LYS B 73 -30.49 26.91 10.84
N ALA B 74 -30.29 27.70 9.81
CA ALA B 74 -31.39 28.46 9.27
C ALA B 74 -32.54 27.46 8.89
N LYS B 75 -33.75 27.83 9.11
CA LYS B 75 -34.87 26.97 8.76
C LYS B 75 -34.94 26.97 7.22
N THR B 76 -34.69 28.10 6.57
CA THR B 76 -34.83 28.14 5.08
C THR B 76 -33.68 28.96 4.46
N PRO B 77 -32.54 28.34 4.20
CA PRO B 77 -31.44 29.10 3.66
C PRO B 77 -31.86 29.68 2.30
N SER B 78 -31.91 31.01 2.18
CA SER B 78 -32.49 31.61 0.99
C SER B 78 -32.15 33.10 0.74
N VAL B 79 -31.20 33.62 1.50
CA VAL B 79 -30.80 34.97 1.29
C VAL B 79 -30.18 35.08 -0.07
N LYS B 80 -30.56 36.16 -0.78
CA LYS B 80 -30.02 36.53 -2.09
C LYS B 80 -29.21 37.82 -1.99
N LEU B 81 -28.25 38.04 -2.88
CA LEU B 81 -27.55 39.30 -2.86
C LEU B 81 -28.58 40.48 -2.99
N SER B 82 -29.67 40.23 -3.72
CA SER B 82 -30.79 41.17 -3.83
C SER B 82 -31.24 41.71 -2.46
N HIS B 83 -31.54 40.80 -1.52
CA HIS B 83 -31.94 41.16 -0.18
C HIS B 83 -30.79 41.99 0.44
N TYR B 84 -29.59 41.47 0.34
CA TYR B 84 -28.40 42.16 0.96
C TYR B 84 -28.22 43.57 0.44
N ASN B 85 -28.36 43.74 -0.88
CA ASN B 85 -28.31 45.10 -1.46
C ASN B 85 -29.35 46.04 -0.89
N ARG B 86 -30.40 45.51 -0.25
CA ARG B 86 -31.40 46.45 0.29
C ARG B 86 -31.30 46.57 1.82
N THR B 87 -30.09 46.33 2.38
CA THR B 87 -29.77 46.66 3.79
C THR B 87 -28.73 47.79 3.84
N ALA B 88 -28.76 48.59 4.92
CA ALA B 88 -27.85 49.75 5.06
C ALA B 88 -27.67 50.01 6.56
N LEU B 89 -26.47 50.47 6.93
CA LEU B 89 -26.21 50.85 8.31
C LEU B 89 -27.21 51.93 8.72
N GLY B 90 -27.71 51.87 9.95
CA GLY B 90 -28.73 52.80 10.42
C GLY B 90 -30.14 52.19 10.32
N MET B 91 -30.33 51.15 9.53
CA MET B 91 -31.73 50.62 9.42
C MET B 91 -32.05 49.95 10.74
N THR B 92 -33.29 49.96 11.19
CA THR B 92 -33.70 49.23 12.38
C THR B 92 -33.73 47.73 12.14
N GLU B 93 -33.90 46.98 13.23
CA GLU B 93 -33.91 45.54 13.12
C GLU B 93 -35.17 45.09 12.37
N ALA B 94 -36.28 45.78 12.59
CA ALA B 94 -37.52 45.39 11.88
C ALA B 94 -37.34 45.69 10.40
N GLN B 95 -36.72 46.83 10.10
CA GLN B 95 -36.37 47.09 8.68
C GLN B 95 -35.49 45.99 8.09
N LEU B 96 -34.49 45.58 8.84
CA LEU B 96 -33.64 44.45 8.41
C LEU B 96 -34.47 43.23 8.05
N TRP B 97 -35.35 42.79 8.95
CA TRP B 97 -36.14 41.61 8.66
C TRP B 97 -37.21 41.76 7.55
N ALA B 98 -37.50 42.99 7.16
CA ALA B 98 -38.40 43.27 6.04
C ALA B 98 -37.57 43.14 4.78
N ALA B 99 -36.24 43.30 4.86
CA ALA B 99 -35.43 43.15 3.62
C ALA B 99 -34.84 41.75 3.40
N VAL B 100 -34.66 40.99 4.48
CA VAL B 100 -33.89 39.73 4.43
C VAL B 100 -34.83 38.73 5.06
N PRO B 101 -35.00 37.56 4.49
CA PRO B 101 -35.90 36.60 5.15
C PRO B 101 -35.32 36.05 6.46
N LYS B 102 -36.01 36.28 7.57
CA LYS B 102 -35.43 35.87 8.86
C LYS B 102 -35.24 34.33 8.95
N ASP B 103 -36.03 33.55 8.21
CA ASP B 103 -35.90 32.12 8.23
C ASP B 103 -34.62 31.73 7.55
N SER B 104 -33.91 32.69 6.96
CA SER B 104 -32.71 32.29 6.32
C SER B 104 -31.48 32.56 7.28
N CYS B 105 -31.73 33.01 8.51
CA CYS B 105 -30.68 33.45 9.46
C CYS B 105 -30.80 32.83 10.84
N VAL B 106 -29.70 32.91 11.57
CA VAL B 106 -29.60 32.39 12.94
C VAL B 106 -28.77 33.38 13.72
N SER B 107 -28.96 33.47 15.05
CA SER B 107 -28.10 34.27 15.92
C SER B 107 -26.76 33.57 16.21
N GLN B 108 -25.67 34.34 16.15
CA GLN B 108 -24.36 33.82 16.52
C GLN B 108 -23.85 34.61 17.78
N GLY B 109 -24.68 35.45 18.39
CA GLY B 109 -24.35 35.86 19.73
C GLY B 109 -25.08 37.09 20.21
N GLU B 110 -24.91 37.40 21.50
CA GLU B 110 -25.50 38.58 22.07
C GLU B 110 -24.55 39.06 23.15
N SER B 111 -24.39 40.38 23.29
CA SER B 111 -23.50 40.84 24.37
C SER B 111 -23.78 42.28 24.86
N TYR B 112 -23.33 42.58 26.07
CA TYR B 112 -23.50 43.87 26.67
C TYR B 112 -22.09 44.39 27.04
N PRO B 113 -21.45 45.11 26.14
CA PRO B 113 -20.07 45.53 26.26
C PRO B 113 -19.96 46.49 27.38
N ASN B 114 -21.11 47.01 27.86
CA ASN B 114 -21.07 47.95 29.01
C ASN B 114 -21.62 47.36 30.28
N TRP B 115 -21.74 46.04 30.37
CA TRP B 115 -22.40 45.45 31.51
C TRP B 115 -21.79 46.05 32.82
N PRO B 116 -22.61 46.33 33.85
CA PRO B 116 -23.98 45.95 34.02
C PRO B 116 -24.95 47.01 33.45
N ALA B 117 -24.43 48.04 32.78
CA ALA B 117 -25.31 48.85 31.99
C ALA B 117 -25.62 48.12 30.69
N LYS B 118 -26.82 48.41 30.18
CA LYS B 118 -27.40 47.63 29.13
C LYS B 118 -27.30 48.36 27.82
N THR B 119 -26.78 49.59 27.78
CA THR B 119 -26.73 50.34 26.53
C THR B 119 -25.62 49.72 25.65
N GLY B 120 -25.81 49.69 24.34
CA GLY B 120 -24.83 49.15 23.42
C GLY B 120 -24.97 47.65 23.20
N PHE B 121 -26.10 47.10 23.55
CA PHE B 121 -26.30 45.65 23.36
C PHE B 121 -26.11 45.30 21.89
N GLU B 122 -25.46 44.18 21.65
CA GLU B 122 -25.09 43.86 20.29
C GLU B 122 -25.57 42.47 19.94
N GLU B 123 -26.17 42.32 18.78
CA GLU B 123 -26.55 41.01 18.31
C GLU B 123 -25.89 40.69 16.99
N LYS B 124 -25.59 39.44 16.77
CA LYS B 124 -24.89 39.01 15.56
C LYS B 124 -25.73 37.96 14.88
N TYR B 125 -26.00 38.19 13.60
CA TYR B 125 -26.79 37.26 12.77
C TYR B 125 -25.97 36.80 11.59
N TYR B 126 -26.20 35.54 11.25
CA TYR B 126 -25.48 34.81 10.22
C TYR B 126 -26.53 34.19 9.32
N CYS B 127 -26.52 34.51 8.02
CA CYS B 127 -27.60 34.10 7.14
C CYS B 127 -27.04 33.27 5.97
N ALA B 128 -27.26 31.96 5.97
CA ALA B 128 -26.73 31.02 4.96
C ALA B 128 -27.59 31.11 3.73
N ALA B 129 -26.98 31.04 2.55
CA ALA B 129 -27.72 31.20 1.30
C ALA B 129 -28.13 29.83 0.88
N ALA B 130 -27.56 28.80 1.50
CA ALA B 130 -27.80 27.39 1.11
C ALA B 130 -27.35 26.45 2.24
N THR B 131 -27.63 25.14 2.11
CA THR B 131 -27.27 24.15 3.14
C THR B 131 -25.81 23.79 3.02
N GLY B 132 -25.25 23.04 3.97
CA GLY B 132 -23.84 22.61 3.88
C GLY B 132 -22.94 23.46 4.75
N LEU B 133 -21.61 23.29 4.61
CA LEU B 133 -20.64 23.75 5.62
C LEU B 133 -20.34 25.27 5.64
N PHE B 134 -19.83 25.72 4.50
CA PHE B 134 -19.39 27.10 4.33
C PHE B 134 -20.07 27.62 3.09
N PRO B 135 -21.40 27.76 3.13
CA PRO B 135 -22.10 28.27 1.92
C PRO B 135 -21.85 29.75 1.71
N PRO B 136 -22.29 30.33 0.56
CA PRO B 136 -22.34 31.79 0.58
C PRO B 136 -23.23 32.26 1.73
N SER B 137 -22.92 33.44 2.24
CA SER B 137 -23.73 33.94 3.36
C SER B 137 -23.77 35.46 3.46
N ALA B 138 -24.66 35.96 4.34
CA ALA B 138 -24.55 37.38 4.82
C ALA B 138 -24.48 37.38 6.33
N SER B 139 -23.82 38.40 6.87
CA SER B 139 -23.71 38.61 8.28
C SER B 139 -24.12 40.02 8.58
N PHE B 140 -24.87 40.15 9.67
CA PHE B 140 -25.40 41.40 10.16
C PHE B 140 -25.17 41.55 11.69
N HIS B 141 -24.68 42.71 12.13
CA HIS B 141 -24.65 43.00 13.55
C HIS B 141 -25.47 44.30 13.81
N LEU B 142 -26.23 44.28 14.88
CA LEU B 142 -27.06 45.36 15.31
C LEU B 142 -26.59 45.77 16.73
N THR B 143 -26.63 47.07 17.02
CA THR B 143 -26.34 47.53 18.34
C THR B 143 -27.61 48.29 18.80
N ASP B 144 -28.15 47.93 19.95
CA ASP B 144 -29.45 48.48 20.40
C ASP B 144 -30.57 48.49 19.26
N GLY B 145 -30.67 47.47 18.41
CA GLY B 145 -31.79 47.38 17.44
C GLY B 145 -31.51 48.14 16.15
N VAL B 146 -30.25 48.57 15.95
CA VAL B 146 -29.90 49.35 14.74
C VAL B 146 -28.74 48.66 14.02
N LEU B 147 -28.81 48.55 12.67
CA LEU B 147 -27.78 47.86 11.98
C LEU B 147 -26.45 48.62 12.04
N THR B 148 -25.39 47.96 12.54
CA THR B 148 -24.08 48.68 12.54
C THR B 148 -22.93 47.91 11.87
N TYR B 149 -23.22 46.75 11.31
CA TYR B 149 -22.23 46.00 10.53
C TYR B 149 -22.93 45.13 9.51
N ARG B 150 -22.44 45.14 8.29
CA ARG B 150 -23.05 44.27 7.29
C ARG B 150 -21.95 43.67 6.41
N TYR B 151 -22.03 42.39 6.15
CA TYR B 151 -21.02 41.81 5.30
C TYR B 151 -21.65 40.66 4.51
N GLN B 152 -21.08 40.36 3.33
CA GLN B 152 -21.54 39.17 2.58
C GLN B 152 -20.41 38.45 1.92
N ARG B 153 -20.49 37.14 1.81
CA ARG B 153 -19.45 36.43 0.99
C ARG B 153 -20.12 35.60 -0.07
N SER B 154 -19.77 35.85 -1.33
CA SER B 154 -20.19 35.02 -2.47
C SER B 154 -21.68 34.89 -2.72
N LEU B 155 -22.53 35.82 -2.28
CA LEU B 155 -23.97 35.68 -2.55
C LEU B 155 -24.26 35.83 -4.05
N THR B 156 -25.18 35.03 -4.61
CA THR B 156 -25.91 35.36 -5.86
C THR B 156 -27.27 36.08 -5.62
N GLU C 1 -12.48 -6.12 0.65
CA GLU C 1 -12.10 -6.16 -0.79
C GLU C 1 -10.80 -6.98 -0.93
N THR C 2 -9.90 -6.57 -1.84
CA THR C 2 -8.64 -7.30 -2.06
C THR C 2 -7.67 -7.32 -0.85
N LEU C 3 -7.58 -6.21 -0.12
CA LEU C 3 -6.66 -6.20 1.03
C LEU C 3 -7.23 -7.04 2.15
N VAL C 4 -8.57 -7.18 2.14
CA VAL C 4 -9.26 -8.08 3.08
C VAL C 4 -8.74 -9.51 2.89
N LYS C 5 -8.85 -9.95 1.64
CA LYS C 5 -8.39 -11.25 1.19
C LYS C 5 -6.93 -11.44 1.61
N VAL C 6 -6.09 -10.48 1.23
CA VAL C 6 -4.68 -10.51 1.62
C VAL C 6 -4.53 -10.76 3.14
N LYS C 7 -5.14 -9.91 3.96
CA LYS C 7 -5.15 -10.09 5.43
C LYS C 7 -5.71 -11.46 5.82
N ASP C 8 -6.84 -11.83 5.20
CA ASP C 8 -7.45 -13.16 5.40
C ASP C 8 -6.47 -14.32 5.16
N ALA C 9 -5.76 -14.27 4.03
CA ALA C 9 -4.83 -15.32 3.62
C ALA C 9 -3.63 -15.47 4.55
N GLU C 10 -3.21 -14.39 5.19
CA GLU C 10 -2.16 -14.46 6.21
C GLU C 10 -2.53 -15.45 7.32
N ASP C 11 -3.78 -15.35 7.80
CA ASP C 11 -4.34 -16.21 8.86
C ASP C 11 -4.57 -17.62 8.30
N GLN C 12 -5.26 -17.69 7.18
CA GLN C 12 -5.33 -18.91 6.39
C GLN C 12 -3.97 -19.63 6.40
N LEU C 13 -2.96 -19.02 5.78
CA LEU C 13 -1.61 -19.60 5.75
C LEU C 13 -0.83 -19.62 7.10
N GLY C 14 -1.19 -18.77 8.05
CA GLY C 14 -0.29 -18.63 9.19
C GLY C 14 1.14 -18.36 8.70
N ALA C 15 1.28 -17.50 7.69
CA ALA C 15 2.59 -17.06 7.20
C ALA C 15 2.58 -15.57 6.89
N ARG C 16 3.76 -14.97 6.87
CA ARG C 16 3.94 -13.64 6.30
C ARG C 16 3.52 -13.61 4.81
N VAL C 17 2.77 -12.56 4.46
CA VAL C 17 2.31 -12.29 3.13
C VAL C 17 2.60 -10.84 2.74
N GLY C 18 3.01 -10.61 1.49
CA GLY C 18 3.32 -9.29 1.00
C GLY C 18 2.69 -9.16 -0.38
N TYR C 19 2.17 -7.98 -0.70
CA TYR C 19 1.31 -7.79 -1.87
C TYR C 19 1.48 -6.34 -2.28
N ILE C 20 1.58 -6.09 -3.58
CA ILE C 20 1.47 -4.76 -4.09
C ILE C 20 0.87 -4.82 -5.46
N GLU C 21 0.06 -3.81 -5.79
CA GLU C 21 -0.45 -3.67 -7.14
C GLU C 21 -0.13 -2.26 -7.64
N LEU C 22 0.64 -2.17 -8.73
CA LEU C 22 0.95 -0.85 -9.28
C LEU C 22 0.45 -0.65 -10.69
N ASP C 23 0.02 0.56 -10.99
CA ASP C 23 -0.38 0.93 -12.37
C ASP C 23 0.86 0.90 -13.29
N LEU C 24 0.75 0.16 -14.40
CA LEU C 24 1.93 -0.09 -15.21
C LEU C 24 2.44 1.18 -15.91
N ASN C 25 1.51 1.98 -16.38
CA ASN C 25 1.71 3.29 -16.95
C ASN C 25 2.48 4.22 -16.05
N SER C 26 1.80 4.69 -15.01
CA SER C 26 2.31 5.80 -14.18
C SER C 26 3.30 5.39 -13.12
N GLY C 27 3.31 4.12 -12.72
CA GLY C 27 4.13 3.80 -11.58
C GLY C 27 3.41 4.03 -10.27
N LYS C 28 2.17 4.56 -10.30
CA LYS C 28 1.37 4.75 -9.03
C LYS C 28 0.99 3.44 -8.39
N ILE C 29 1.25 3.33 -7.08
CA ILE C 29 0.79 2.21 -6.27
C ILE C 29 -0.69 2.32 -6.03
N LEU C 30 -1.40 1.23 -6.23
CA LEU C 30 -2.84 1.21 -6.04
C LEU C 30 -3.21 0.72 -4.67
N GLU C 31 -2.44 -0.22 -4.13
CA GLU C 31 -2.71 -0.72 -2.81
C GLU C 31 -1.55 -1.64 -2.47
N SER C 32 -1.33 -1.91 -1.17
CA SER C 32 -0.19 -2.68 -0.79
C SER C 32 -0.27 -3.20 0.63
N PHE C 33 0.52 -4.23 0.90
CA PHE C 33 0.46 -4.80 2.24
C PHE C 33 1.82 -5.42 2.50
N ARG C 34 2.55 -4.85 3.46
CA ARG C 34 3.93 -5.23 3.76
CA ARG C 34 3.94 -5.17 3.75
C ARG C 34 4.80 -5.11 2.50
N PRO C 35 4.63 -4.05 1.73
CA PRO C 35 5.37 -3.88 0.51
C PRO C 35 6.85 -3.78 0.70
N GLU C 36 7.30 -3.43 1.90
CA GLU C 36 8.72 -3.33 2.14
C GLU C 36 9.27 -4.37 3.13
N GLU C 37 8.61 -5.50 3.26
CA GLU C 37 9.28 -6.60 3.95
C GLU C 37 9.99 -7.38 2.86
N ARG C 38 11.00 -8.17 3.21
CA ARG C 38 11.74 -8.95 2.24
C ARG C 38 11.20 -10.40 2.19
N PHE C 39 11.35 -11.03 1.05
CA PHE C 39 10.83 -12.34 0.79
C PHE C 39 11.77 -12.95 -0.22
N PRO C 40 11.92 -14.28 -0.14
CA PRO C 40 12.68 -15.02 -1.14
C PRO C 40 12.05 -14.81 -2.52
N MET C 41 12.89 -14.57 -3.54
CA MET C 41 12.44 -14.49 -4.91
C MET C 41 12.03 -15.84 -5.49
N MET C 42 12.77 -16.90 -5.16
CA MET C 42 12.54 -18.18 -5.83
C MET C 42 12.61 -17.91 -7.33
N SER C 43 11.78 -18.65 -8.11
CA SER C 43 11.89 -18.60 -9.58
C SER C 43 11.44 -17.24 -10.16
N THR C 44 10.86 -16.33 -9.37
CA THR C 44 10.50 -14.97 -9.94
C THR C 44 11.77 -14.21 -10.34
N PHE C 45 12.90 -14.57 -9.75
CA PHE C 45 14.16 -13.86 -10.09
C PHE C 45 14.55 -14.15 -11.56
N LYS C 46 14.06 -15.27 -12.12
CA LYS C 46 14.39 -15.68 -13.50
C LYS C 46 14.04 -14.64 -14.53
N VAL C 47 12.97 -13.89 -14.27
CA VAL C 47 12.61 -12.77 -15.20
C VAL C 47 13.67 -11.67 -15.14
N LEU C 48 14.15 -11.37 -13.91
CA LEU C 48 15.17 -10.28 -13.73
C LEU C 48 16.48 -10.70 -14.39
N LEU C 49 16.79 -11.99 -14.20
CA LEU C 49 17.96 -12.56 -14.83
C LEU C 49 17.91 -12.37 -16.31
N CYS C 50 16.77 -12.74 -16.92
CA CYS C 50 16.67 -12.54 -18.35
C CYS C 50 16.61 -11.08 -18.85
N GLY C 51 16.12 -10.16 -18.04
CA GLY C 51 16.28 -8.74 -18.40
C GLY C 51 17.73 -8.31 -18.36
N ALA C 52 18.50 -8.78 -17.37
CA ALA C 52 19.92 -8.38 -17.38
C ALA C 52 20.55 -8.99 -18.64
N VAL C 53 20.19 -10.21 -19.00
CA VAL C 53 20.65 -10.77 -20.31
C VAL C 53 20.31 -9.91 -21.55
N LEU C 54 19.05 -9.51 -21.68
CA LEU C 54 18.64 -8.66 -22.79
C LEU C 54 19.42 -7.31 -22.79
N SER C 55 19.71 -6.81 -21.60
CA SER C 55 20.42 -5.56 -21.48
C SER C 55 21.77 -5.76 -22.15
N ARG C 56 22.44 -6.89 -21.91
CA ARG C 56 23.73 -7.14 -22.59
C ARG C 56 23.54 -7.37 -24.09
N VAL C 57 22.45 -8.05 -24.48
CA VAL C 57 22.16 -8.13 -25.90
C VAL C 57 22.09 -6.69 -26.47
N ASP C 58 21.31 -5.84 -25.81
CA ASP C 58 21.03 -4.51 -26.33
C ASP C 58 22.37 -3.81 -26.48
N ALA C 59 23.27 -4.01 -25.52
CA ALA C 59 24.59 -3.36 -25.51
C ALA C 59 25.62 -3.97 -26.45
N GLY C 60 25.22 -4.95 -27.23
CA GLY C 60 26.13 -5.61 -28.14
C GLY C 60 27.15 -6.47 -27.44
N GLN C 61 26.91 -6.83 -26.19
CA GLN C 61 27.80 -7.71 -25.41
C GLN C 61 27.35 -9.19 -25.36
N GLU C 62 26.20 -9.50 -25.93
CA GLU C 62 25.63 -10.84 -25.89
C GLU C 62 24.80 -11.04 -27.16
N GLN C 63 24.72 -12.29 -27.63
CA GLN C 63 23.81 -12.64 -28.76
C GLN C 63 22.77 -13.68 -28.32
N LEU C 64 21.50 -13.43 -28.64
CA LEU C 64 20.43 -14.36 -28.34
C LEU C 64 20.67 -15.68 -29.09
N GLY C 65 21.35 -15.61 -30.24
CA GLY C 65 21.65 -16.78 -31.02
C GLY C 65 22.86 -17.56 -30.57
N ARG C 66 23.55 -17.07 -29.54
CA ARG C 66 24.79 -17.70 -29.15
C ARG C 66 24.45 -19.04 -28.53
N ARG C 67 25.13 -20.11 -28.96
CA ARG C 67 24.84 -21.45 -28.48
C ARG C 67 25.77 -21.84 -27.36
N ILE C 68 25.19 -22.36 -26.27
CA ILE C 68 25.97 -22.76 -25.13
C ILE C 68 25.89 -24.26 -25.10
N HIS C 69 27.04 -24.93 -25.13
CA HIS C 69 27.15 -26.35 -24.94
C HIS C 69 27.46 -26.61 -23.47
N TYR C 70 26.76 -27.52 -22.80
CA TYR C 70 27.02 -27.71 -21.36
C TYR C 70 27.05 -29.20 -21.15
N SER C 71 27.36 -29.67 -19.94
CA SER C 71 27.49 -31.11 -19.75
C SER C 71 26.84 -31.57 -18.46
N GLN C 72 26.91 -32.88 -18.21
CA GLN C 72 26.14 -33.49 -17.14
C GLN C 72 26.37 -32.76 -15.84
N ASN C 73 27.62 -32.32 -15.57
CA ASN C 73 27.90 -31.73 -14.29
C ASN C 73 27.20 -30.36 -14.14
N ASP C 74 26.61 -29.84 -15.20
CA ASP C 74 25.93 -28.57 -15.01
C ASP C 74 24.48 -28.79 -14.56
N LEU C 75 23.97 -30.01 -14.62
CA LEU C 75 22.53 -30.15 -14.47
C LEU C 75 22.22 -30.16 -13.00
N VAL C 76 21.22 -29.38 -12.55
CA VAL C 76 20.86 -29.44 -11.16
C VAL C 76 19.45 -29.85 -11.11
N GLU C 77 18.89 -29.91 -9.89
CA GLU C 77 17.50 -30.40 -9.69
C GLU C 77 16.54 -29.59 -10.51
N TYR C 78 15.60 -30.29 -11.17
CA TYR C 78 14.55 -29.70 -12.01
C TYR C 78 15.06 -29.04 -13.28
N SER C 79 15.38 -29.89 -14.26
CA SER C 79 15.92 -29.57 -15.55
C SER C 79 15.09 -30.18 -16.66
N PRO C 80 13.80 -29.83 -16.73
CA PRO C 80 12.94 -30.53 -17.76
C PRO C 80 13.36 -30.33 -19.22
N VAL C 81 13.88 -29.16 -19.54
CA VAL C 81 14.26 -28.86 -20.92
C VAL C 81 15.76 -29.12 -21.16
N THR C 82 16.60 -28.69 -20.21
CA THR C 82 18.03 -28.71 -20.47
C THR C 82 18.53 -30.14 -20.45
N GLU C 83 17.96 -31.03 -19.67
CA GLU C 83 18.47 -32.39 -19.74
C GLU C 83 18.38 -32.99 -21.12
N LYS C 84 17.45 -32.53 -21.93
CA LYS C 84 17.35 -33.03 -23.31
C LYS C 84 18.37 -32.43 -24.31
N HIS C 85 19.16 -31.43 -23.91
CA HIS C 85 20.04 -30.79 -24.90
C HIS C 85 21.52 -30.91 -24.51
N LEU C 86 21.87 -31.98 -23.81
CA LEU C 86 23.27 -32.11 -23.40
C LEU C 86 24.15 -32.15 -24.60
N THR C 87 23.62 -32.77 -25.66
CA THR C 87 24.40 -33.05 -26.86
C THR C 87 24.46 -31.88 -27.81
N ASP C 88 23.30 -31.30 -28.10
CA ASP C 88 23.24 -30.27 -29.09
C ASP C 88 23.39 -28.85 -28.52
N GLY C 89 23.36 -28.70 -27.20
CA GLY C 89 23.44 -27.36 -26.63
C GLY C 89 22.15 -26.60 -26.76
N MET C 90 22.15 -25.35 -26.25
CA MET C 90 21.01 -24.40 -26.35
C MET C 90 21.52 -22.97 -26.52
N THR C 91 20.72 -22.15 -27.18
CA THR C 91 21.13 -20.79 -27.43
C THR C 91 20.63 -20.01 -26.21
N VAL C 92 21.19 -18.83 -26.03
CA VAL C 92 20.76 -17.93 -24.94
C VAL C 92 19.24 -17.68 -24.94
N ARG C 93 18.70 -17.49 -26.15
CA ARG C 93 17.28 -17.24 -26.24
C ARG C 93 16.52 -18.47 -25.77
N GLU C 94 16.93 -19.65 -26.22
CA GLU C 94 16.27 -20.89 -25.72
C GLU C 94 16.45 -21.04 -24.19
N LEU C 95 17.61 -20.69 -23.66
CA LEU C 95 17.80 -20.76 -22.21
C LEU C 95 16.78 -19.86 -21.45
N CYS C 96 16.64 -18.62 -21.89
CA CYS C 96 15.67 -17.76 -21.24
C CYS C 96 14.24 -18.33 -21.38
N SER C 97 13.88 -18.80 -22.57
CA SER C 97 12.56 -19.34 -22.70
C SER C 97 12.31 -20.49 -21.68
N ALA C 98 13.29 -21.37 -21.56
CA ALA C 98 13.19 -22.52 -20.63
C ALA C 98 13.18 -22.09 -19.14
N ALA C 99 14.09 -21.19 -18.78
CA ALA C 99 14.10 -20.67 -17.43
C ALA C 99 12.77 -19.98 -17.07
N ILE C 100 12.26 -19.16 -17.98
CA ILE C 100 11.00 -18.48 -17.65
C ILE C 100 9.76 -19.30 -17.83
N THR C 101 9.56 -19.99 -18.97
CA THR C 101 8.23 -20.63 -19.16
C THR C 101 8.10 -21.94 -18.40
N MET C 102 9.22 -22.67 -18.23
CA MET C 102 9.22 -24.01 -17.57
C MET C 102 10.02 -24.03 -16.24
N SER C 103 10.56 -22.89 -15.84
CA SER C 103 11.32 -22.77 -14.59
C SER C 103 12.50 -23.73 -14.53
N ASP C 104 13.12 -24.00 -15.70
CA ASP C 104 14.29 -24.89 -15.75
C ASP C 104 15.45 -24.28 -14.89
N ASN C 105 15.87 -25.00 -13.85
CA ASN C 105 16.98 -24.57 -12.94
C ASN C 105 18.33 -24.49 -13.60
N THR C 106 18.65 -25.50 -14.40
CA THR C 106 19.93 -25.47 -15.00
C THR C 106 20.00 -24.30 -15.95
N ALA C 107 18.88 -24.02 -16.65
CA ALA C 107 18.96 -22.95 -17.65
C ALA C 107 19.32 -21.64 -16.95
N ALA C 108 18.69 -21.44 -15.80
CA ALA C 108 18.90 -20.22 -15.02
C ALA C 108 20.39 -20.13 -14.59
N ASN C 109 20.96 -21.25 -14.11
CA ASN C 109 22.42 -21.20 -13.81
C ASN C 109 23.32 -20.88 -14.97
N LEU C 110 23.02 -21.52 -16.10
CA LEU C 110 23.77 -21.33 -17.37
C LEU C 110 23.70 -19.87 -17.77
N LEU C 111 22.52 -19.28 -17.67
CA LEU C 111 22.39 -17.83 -17.90
C LEU C 111 23.13 -16.99 -16.84
N LEU C 112 23.08 -17.38 -15.58
CA LEU C 112 23.78 -16.58 -14.58
C LEU C 112 25.32 -16.60 -14.92
N THR C 113 25.84 -17.74 -15.39
CA THR C 113 27.24 -17.77 -15.91
C THR C 113 27.49 -16.74 -17.02
N THR C 114 26.54 -16.59 -17.95
CA THR C 114 26.81 -15.72 -19.10
C THR C 114 27.04 -14.30 -18.58
N ILE C 115 26.40 -13.91 -17.48
CA ILE C 115 26.49 -12.50 -17.06
C ILE C 115 27.54 -12.31 -15.96
N GLY C 116 28.14 -13.40 -15.47
CA GLY C 116 29.15 -13.30 -14.42
C GLY C 116 28.65 -13.66 -13.04
N GLY C 117 27.45 -14.26 -12.89
CA GLY C 117 27.09 -14.80 -11.59
C GLY C 117 26.09 -13.93 -10.85
N PRO C 118 25.58 -14.44 -9.74
CA PRO C 118 24.64 -13.69 -8.91
C PRO C 118 25.05 -12.26 -8.54
N LYS C 119 26.31 -12.04 -8.20
CA LYS C 119 26.83 -10.66 -7.99
C LYS C 119 26.57 -9.69 -9.13
N GLU C 120 26.73 -10.14 -10.37
CA GLU C 120 26.39 -9.29 -11.51
C GLU C 120 24.92 -9.05 -11.69
N LEU C 121 24.07 -9.99 -11.31
CA LEU C 121 22.64 -9.69 -11.39
C LEU C 121 22.32 -8.54 -10.38
N THR C 122 22.78 -8.69 -9.14
CA THR C 122 22.69 -7.61 -8.07
C THR C 122 23.26 -6.25 -8.55
N ALA C 123 24.42 -6.28 -9.20
CA ALA C 123 25.04 -5.07 -9.81
C ALA C 123 24.18 -4.45 -10.90
N PHE C 124 23.64 -5.27 -11.82
CA PHE C 124 22.79 -4.70 -12.89
C PHE C 124 21.58 -4.06 -12.23
N LEU C 125 21.02 -4.75 -11.24
CA LEU C 125 19.84 -4.26 -10.56
C LEU C 125 20.15 -2.92 -9.86
N HIS C 126 21.23 -2.90 -9.08
CA HIS C 126 21.70 -1.69 -8.40
C HIS C 126 21.88 -0.49 -9.35
N ASN C 127 22.58 -0.70 -10.47
CA ASN C 127 22.78 0.32 -11.49
C ASN C 127 21.54 0.74 -12.21
N MET C 128 20.42 0.04 -12.03
CA MET C 128 19.15 0.63 -12.48
C MET C 128 18.31 1.21 -11.31
N GLY C 129 18.89 1.35 -10.13
CA GLY C 129 18.16 1.96 -9.02
C GLY C 129 17.46 1.10 -7.96
N ASP C 130 17.47 -0.23 -8.12
CA ASP C 130 16.89 -1.15 -7.15
C ASP C 130 18.01 -1.44 -6.24
N HIS C 131 17.99 -0.90 -5.01
CA HIS C 131 19.10 -1.10 -4.05
C HIS C 131 18.70 -2.07 -2.96
N VAL C 132 17.61 -2.79 -3.24
CA VAL C 132 17.05 -3.72 -2.34
C VAL C 132 17.24 -5.18 -2.90
N THR C 133 16.86 -5.43 -4.15
CA THR C 133 16.83 -6.81 -4.67
C THR C 133 18.25 -7.31 -4.78
N ARG C 134 18.46 -8.54 -4.33
CA ARG C 134 19.78 -9.08 -4.40
C ARG C 134 19.68 -10.59 -4.66
N LEU C 135 20.61 -11.07 -5.49
CA LEU C 135 20.70 -12.50 -5.71
C LEU C 135 22.05 -12.82 -5.10
N ASP C 136 22.14 -13.92 -4.37
CA ASP C 136 23.41 -14.30 -3.76
C ASP C 136 23.83 -15.69 -4.17
N ARG C 137 22.91 -16.59 -4.44
CA ARG C 137 23.34 -17.98 -4.69
C ARG C 137 22.81 -18.47 -6.02
N TRP C 138 23.28 -19.64 -6.46
CA TRP C 138 22.82 -20.27 -7.71
C TRP C 138 21.61 -21.20 -7.36
N GLU C 139 20.96 -21.79 -8.35
CA GLU C 139 19.94 -22.84 -8.12
C GLU C 139 20.68 -24.12 -7.74
N PRO C 140 20.09 -24.93 -6.85
CA PRO C 140 18.78 -24.66 -6.30
C PRO C 140 18.82 -23.99 -4.91
N GLU C 141 20.00 -23.72 -4.36
CA GLU C 141 20.15 -23.17 -3.02
C GLU C 141 19.53 -21.79 -2.79
N LEU C 142 19.39 -21.01 -3.85
CA LEU C 142 18.79 -19.68 -3.66
C LEU C 142 17.36 -19.79 -3.11
N ASN C 143 16.78 -21.01 -3.16
CA ASN C 143 15.41 -21.21 -2.74
C ASN C 143 15.26 -21.56 -1.26
N GLU C 144 16.32 -21.47 -0.49
CA GLU C 144 16.25 -22.05 0.86
C GLU C 144 15.30 -21.37 1.80
N ALA C 145 15.35 -20.04 1.86
CA ALA C 145 14.30 -19.31 2.50
C ALA C 145 14.44 -19.44 4.02
N ILE C 146 15.67 -19.47 4.49
CA ILE C 146 15.92 -19.43 5.91
C ILE C 146 15.27 -18.18 6.52
N PRO C 147 14.55 -18.30 7.67
CA PRO C 147 13.88 -17.10 8.21
C PRO C 147 14.87 -16.00 8.52
N ASN C 148 14.48 -14.77 8.23
CA ASN C 148 15.36 -13.58 8.34
C ASN C 148 16.60 -13.55 7.48
N ASP C 149 16.89 -14.61 6.76
CA ASP C 149 17.98 -14.51 5.77
C ASP C 149 17.58 -13.58 4.60
N GLU C 150 18.34 -12.50 4.39
CA GLU C 150 18.10 -11.57 3.29
C GLU C 150 18.73 -11.97 1.95
N ARG C 151 19.56 -13.00 1.95
CA ARG C 151 20.08 -13.58 0.69
C ARG C 151 18.95 -13.87 -0.31
N ASP C 152 19.20 -13.51 -1.56
CA ASP C 152 18.23 -13.87 -2.63
C ASP C 152 16.75 -13.42 -2.35
N THR C 153 16.59 -12.21 -1.80
CA THR C 153 15.26 -11.70 -1.46
C THR C 153 15.00 -10.44 -2.24
N THR C 154 13.73 -10.04 -2.29
CA THR C 154 13.35 -8.74 -2.77
C THR C 154 12.25 -8.19 -1.82
N MET C 155 11.72 -7.02 -2.10
CA MET C 155 10.50 -6.51 -1.42
C MET C 155 9.40 -6.42 -2.43
N PRO C 156 8.13 -6.61 -2.04
CA PRO C 156 7.15 -6.52 -3.10
C PRO C 156 7.25 -5.25 -3.93
N VAL C 157 7.48 -4.09 -3.29
CA VAL C 157 7.60 -2.81 -4.05
C VAL C 157 8.84 -2.73 -4.94
N ALA C 158 9.97 -3.30 -4.51
CA ALA C 158 11.18 -3.26 -5.33
C ALA C 158 11.03 -4.11 -6.62
N MET C 159 10.51 -5.32 -6.44
CA MET C 159 10.27 -6.23 -7.58
C MET C 159 9.22 -5.63 -8.50
N ALA C 160 8.14 -5.09 -7.95
CA ALA C 160 7.08 -4.50 -8.84
C ALA C 160 7.61 -3.31 -9.66
N THR C 161 8.41 -2.47 -9.01
CA THR C 161 8.97 -1.31 -9.69
C THR C 161 10.02 -1.68 -10.71
N THR C 162 10.93 -2.56 -10.31
CA THR C 162 11.88 -3.09 -11.25
C THR C 162 11.21 -3.81 -12.43
N LEU C 163 10.17 -4.61 -12.20
CA LEU C 163 9.50 -5.27 -13.34
C LEU C 163 8.91 -4.21 -14.24
N ARG C 164 8.32 -3.19 -13.66
CA ARG C 164 7.75 -2.11 -14.48
C ARG C 164 8.80 -1.50 -15.35
N LYS C 165 9.93 -1.18 -14.76
CA LYS C 165 10.96 -0.57 -15.55
C LYS C 165 11.48 -1.47 -16.66
N LEU C 166 11.53 -2.79 -16.46
CA LEU C 166 12.05 -3.68 -17.51
C LEU C 166 11.07 -3.75 -18.64
N LEU C 167 9.78 -3.79 -18.30
CA LEU C 167 8.72 -4.06 -19.26
C LEU C 167 8.20 -2.80 -19.99
N THR C 168 8.42 -1.62 -19.43
CA THR C 168 7.87 -0.39 -20.03
C THR C 168 9.00 0.62 -20.13
N GLY C 169 10.04 0.43 -19.37
CA GLY C 169 11.14 1.39 -19.37
C GLY C 169 11.70 1.68 -20.76
N GLU C 170 12.70 2.54 -20.80
CA GLU C 170 13.53 2.54 -21.95
C GLU C 170 14.76 1.74 -21.51
N LEU C 171 14.66 1.17 -20.31
CA LEU C 171 15.74 0.37 -19.74
C LEU C 171 16.21 -0.71 -20.71
N LEU C 172 15.27 -1.31 -21.44
CA LEU C 172 15.59 -2.19 -22.55
C LEU C 172 15.00 -1.63 -23.84
N THR C 173 15.48 -2.12 -24.99
CA THR C 173 14.88 -1.76 -26.28
C THR C 173 13.50 -2.41 -26.44
N LEU C 174 12.78 -1.96 -27.47
CA LEU C 174 11.43 -2.36 -27.69
C LEU C 174 11.46 -3.82 -28.07
N ALA C 175 12.45 -4.22 -28.87
CA ALA C 175 12.62 -5.64 -29.20
C ALA C 175 12.81 -6.52 -27.92
N SER C 176 13.73 -6.11 -27.04
CA SER C 176 13.99 -6.81 -25.75
C SER C 176 12.82 -6.75 -24.76
N ARG C 177 12.16 -5.61 -24.65
CA ARG C 177 11.06 -5.64 -23.68
C ARG C 177 9.92 -6.43 -24.20
N GLN C 178 9.82 -6.54 -25.51
CA GLN C 178 8.77 -7.36 -26.05
C GLN C 178 9.01 -8.84 -25.91
N GLN C 179 10.25 -9.25 -26.09
CA GLN C 179 10.68 -10.63 -25.87
C GLN C 179 10.47 -11.01 -24.40
N LEU C 180 10.87 -10.13 -23.49
CA LEU C 180 10.75 -10.43 -22.05
C LEU C 180 9.29 -10.75 -21.70
N ILE C 181 8.38 -9.92 -22.21
CA ILE C 181 6.98 -10.11 -21.84
C ILE C 181 6.37 -11.29 -22.62
N ASP C 182 6.86 -11.54 -23.84
CA ASP C 182 6.49 -12.76 -24.57
C ASP C 182 6.84 -14.04 -23.83
N TRP C 183 8.07 -14.12 -23.30
CA TRP C 183 8.51 -15.27 -22.49
C TRP C 183 7.53 -15.46 -21.32
N MET C 184 7.28 -14.39 -20.58
CA MET C 184 6.31 -14.40 -19.48
C MET C 184 4.86 -14.75 -19.91
N GLU C 185 4.39 -14.23 -21.03
CA GLU C 185 3.05 -14.63 -21.47
C GLU C 185 2.98 -16.13 -21.72
N ALA C 186 4.08 -16.74 -22.19
CA ALA C 186 4.05 -18.18 -22.55
C ALA C 186 4.15 -19.01 -21.30
N ASP C 187 4.32 -18.36 -20.16
CA ASP C 187 4.56 -19.09 -18.96
C ASP C 187 3.71 -20.33 -19.13
N LYS C 188 4.19 -21.52 -18.73
CA LYS C 188 3.40 -22.75 -18.88
C LYS C 188 3.09 -23.40 -17.52
N VAL C 189 3.68 -22.89 -16.44
CA VAL C 189 3.56 -23.60 -15.16
C VAL C 189 3.04 -22.65 -14.04
N ALA C 190 2.08 -21.79 -14.40
CA ALA C 190 1.43 -20.83 -13.48
C ALA C 190 -0.12 -20.79 -13.65
N GLY C 191 -0.73 -21.89 -14.09
CA GLY C 191 -2.18 -21.94 -14.33
C GLY C 191 -3.06 -21.74 -13.10
N PRO C 192 -2.63 -22.29 -11.96
CA PRO C 192 -3.45 -22.27 -10.74
C PRO C 192 -3.37 -20.94 -9.96
N LEU C 193 -2.70 -19.93 -10.51
CA LEU C 193 -2.51 -18.70 -9.75
C LEU C 193 -3.36 -17.57 -10.33
N LEU C 194 -2.76 -16.43 -10.66
CA LEU C 194 -3.63 -15.41 -11.26
C LEU C 194 -4.37 -15.98 -12.47
N ARG C 195 -3.70 -16.82 -13.26
CA ARG C 195 -4.29 -17.30 -14.53
C ARG C 195 -5.67 -17.96 -14.33
N SER C 196 -5.79 -18.77 -13.27
CA SER C 196 -7.04 -19.49 -12.99
C SER C 196 -8.32 -18.61 -12.76
N ALA C 197 -8.12 -17.32 -12.49
CA ALA C 197 -9.24 -16.42 -12.23
C ALA C 197 -9.26 -15.29 -13.25
N LEU C 198 -8.58 -15.50 -14.36
CA LEU C 198 -8.56 -14.50 -15.41
C LEU C 198 -9.80 -14.60 -16.32
N PRO C 199 -10.49 -13.47 -16.56
CA PRO C 199 -11.60 -13.39 -17.53
C PRO C 199 -11.13 -13.38 -18.98
N ALA C 200 -12.07 -13.49 -19.91
CA ALA C 200 -11.65 -13.61 -21.31
C ALA C 200 -11.30 -12.28 -21.95
N GLY C 201 -10.47 -12.36 -22.98
CA GLY C 201 -9.91 -11.15 -23.51
C GLY C 201 -8.81 -10.60 -22.60
N TRP C 202 -8.75 -11.05 -21.35
CA TRP C 202 -7.64 -10.55 -20.45
C TRP C 202 -6.22 -10.96 -20.90
N PHE C 203 -5.29 -10.02 -20.85
CA PHE C 203 -3.87 -10.32 -21.05
C PHE C 203 -3.21 -10.64 -19.69
N ILE C 204 -2.29 -11.61 -19.69
CA ILE C 204 -1.53 -11.99 -18.49
C ILE C 204 -0.12 -12.41 -18.91
N ALA C 205 0.88 -11.80 -18.31
CA ALA C 205 2.23 -12.29 -18.47
C ALA C 205 2.77 -12.42 -17.06
N ASP C 206 3.23 -13.60 -16.65
CA ASP C 206 3.60 -13.76 -15.23
C ASP C 206 4.79 -14.70 -15.07
N LYS C 207 5.22 -14.86 -13.82
CA LYS C 207 6.22 -15.85 -13.43
C LYS C 207 5.93 -16.19 -11.99
N SER C 208 5.73 -17.48 -11.69
CA SER C 208 5.58 -17.87 -10.32
C SER C 208 6.88 -18.47 -9.79
N GLY C 209 6.90 -18.69 -8.47
CA GLY C 209 8.04 -19.32 -7.76
C GLY C 209 7.53 -20.07 -6.53
N ALA C 210 8.23 -21.19 -6.20
CA ALA C 210 8.03 -21.94 -5.00
C ALA C 210 9.41 -22.15 -4.48
N GLY C 211 9.51 -22.26 -3.16
CA GLY C 211 10.85 -22.47 -2.54
C GLY C 211 10.64 -23.35 -1.33
N GLU C 212 11.61 -23.40 -0.42
CA GLU C 212 11.52 -24.21 0.76
C GLU C 212 10.61 -23.48 1.77
N ARG C 213 10.10 -24.25 2.76
CA ARG C 213 9.41 -23.73 3.93
C ARG C 213 8.15 -23.04 3.60
N GLY C 214 7.41 -23.61 2.66
CA GLY C 214 6.10 -23.04 2.28
C GLY C 214 6.25 -21.84 1.36
N SER C 215 7.49 -21.41 1.03
CA SER C 215 7.58 -20.14 0.29
C SER C 215 6.94 -20.20 -1.13
N ARG C 216 6.14 -19.18 -1.50
CA ARG C 216 5.47 -19.16 -2.80
C ARG C 216 5.38 -17.70 -3.25
N GLY C 217 5.12 -17.46 -4.52
CA GLY C 217 4.78 -16.13 -5.02
C GLY C 217 4.61 -16.00 -6.51
N ILE C 218 4.23 -14.81 -6.92
CA ILE C 218 4.07 -14.57 -8.32
C ILE C 218 4.30 -13.11 -8.64
N ILE C 219 4.84 -12.85 -9.84
CA ILE C 219 4.86 -11.56 -10.43
C ILE C 219 4.10 -11.58 -11.74
N ALA C 220 3.43 -10.47 -12.06
CA ALA C 220 2.61 -10.51 -13.26
C ALA C 220 2.31 -9.11 -13.72
N ALA C 221 2.27 -8.93 -15.02
CA ALA C 221 1.62 -7.79 -15.61
C ALA C 221 0.32 -8.29 -16.26
N LEU C 222 -0.78 -7.64 -15.97
CA LEU C 222 -2.05 -8.13 -16.49
C LEU C 222 -3.05 -7.00 -16.74
N GLY C 223 -4.16 -7.37 -17.42
CA GLY C 223 -5.24 -6.40 -17.64
C GLY C 223 -6.30 -6.78 -18.65
N PRO C 224 -7.35 -5.95 -18.78
CA PRO C 224 -8.48 -6.24 -19.65
C PRO C 224 -8.13 -6.06 -21.14
N ASP C 225 -8.91 -6.74 -22.01
CA ASP C 225 -8.86 -6.41 -23.43
C ASP C 225 -7.48 -6.62 -24.03
N GLY C 226 -6.80 -7.67 -23.59
CA GLY C 226 -5.56 -8.08 -24.23
C GLY C 226 -4.42 -7.11 -24.03
N LYS C 227 -4.57 -6.19 -23.08
CA LYS C 227 -3.42 -5.34 -22.74
C LYS C 227 -3.12 -5.34 -21.24
N PRO C 228 -1.82 -5.41 -20.88
CA PRO C 228 -1.48 -5.36 -19.48
C PRO C 228 -1.55 -3.91 -19.06
N SER C 229 -2.20 -3.63 -17.95
CA SER C 229 -2.27 -2.26 -17.46
C SER C 229 -1.79 -2.22 -16.02
N ARG C 230 -1.58 -3.37 -15.39
CA ARG C 230 -1.13 -3.38 -13.99
C ARG C 230 -0.08 -4.44 -13.70
N ILE C 231 0.74 -4.20 -12.70
CA ILE C 231 1.70 -5.21 -12.21
C ILE C 231 1.24 -5.57 -10.81
N VAL C 232 1.15 -6.87 -10.53
CA VAL C 232 0.84 -7.40 -9.24
C VAL C 232 2.01 -8.27 -8.83
N VAL C 233 2.38 -8.20 -7.56
CA VAL C 233 3.44 -9.02 -7.02
C VAL C 233 2.97 -9.49 -5.68
N ILE C 234 3.07 -10.78 -5.47
CA ILE C 234 2.64 -11.38 -4.21
C ILE C 234 3.72 -12.35 -3.75
N TYR C 235 4.15 -12.21 -2.51
CA TYR C 235 5.05 -13.17 -1.90
C TYR C 235 4.46 -13.69 -0.57
N THR C 236 4.81 -14.94 -0.21
CA THR C 236 4.41 -15.53 1.07
C THR C 236 5.50 -16.49 1.51
N THR C 237 5.77 -16.50 2.80
CA THR C 237 6.83 -17.32 3.31
C THR C 237 6.51 -17.69 4.71
N GLY C 238 6.99 -18.88 5.10
CA GLY C 238 6.82 -19.38 6.46
C GLY C 238 5.66 -20.35 6.62
N SER C 239 4.81 -20.49 5.62
CA SER C 239 3.60 -21.29 5.81
C SER C 239 3.75 -22.83 5.84
N GLN C 240 2.72 -23.51 6.36
CA GLN C 240 2.69 -24.99 6.51
C GLN C 240 1.58 -25.61 5.66
N ALA C 241 0.48 -24.88 5.52
CA ALA C 241 -0.66 -25.37 4.73
C ALA C 241 -0.18 -26.21 3.54
N THR C 242 -1.13 -26.76 2.77
CA THR C 242 -0.83 -27.57 1.58
C THR C 242 -0.37 -26.67 0.44
N MET C 243 0.30 -27.24 -0.55
CA MET C 243 0.78 -26.51 -1.73
C MET C 243 -0.44 -25.96 -2.45
N ASP C 244 -1.53 -26.74 -2.46
CA ASP C 244 -2.79 -26.25 -3.02
C ASP C 244 -3.30 -25.12 -2.16
N GLU C 245 -3.14 -25.27 -0.85
CA GLU C 245 -3.56 -24.22 0.06
C GLU C 245 -2.84 -22.91 -0.25
N ARG C 246 -1.53 -22.99 -0.50
CA ARG C 246 -0.77 -21.82 -0.90
C ARG C 246 -1.35 -21.25 -2.20
N ASN C 247 -1.46 -22.11 -3.21
CA ASN C 247 -2.01 -21.69 -4.47
C ASN C 247 -3.40 -21.12 -4.25
N ARG C 248 -4.31 -21.99 -3.85
CA ARG C 248 -5.61 -21.58 -3.31
C ARG C 248 -5.61 -20.11 -2.84
N GLN C 249 -4.86 -19.78 -1.80
CA GLN C 249 -4.89 -18.41 -1.27
C GLN C 249 -4.58 -17.32 -2.30
N ILE C 250 -3.49 -17.51 -3.05
CA ILE C 250 -3.02 -16.53 -4.03
C ILE C 250 -3.98 -16.24 -5.20
N ALA C 251 -4.55 -17.29 -5.78
CA ALA C 251 -5.54 -17.09 -6.83
C ALA C 251 -6.73 -16.38 -6.21
N GLU C 252 -6.97 -16.64 -4.93
CA GLU C 252 -8.08 -15.98 -4.23
C GLU C 252 -7.86 -14.47 -4.27
N ILE C 253 -6.72 -14.02 -3.76
CA ILE C 253 -6.34 -12.60 -3.87
C ILE C 253 -6.44 -12.01 -5.27
N GLY C 254 -6.21 -12.84 -6.29
CA GLY C 254 -6.32 -12.41 -7.66
C GLY C 254 -7.74 -12.46 -8.21
N ALA C 255 -8.47 -13.53 -7.87
CA ALA C 255 -9.90 -13.50 -8.13
C ALA C 255 -10.38 -12.22 -7.43
N SER C 256 -9.69 -11.87 -6.35
CA SER C 256 -10.05 -10.71 -5.55
C SER C 256 -9.95 -9.39 -6.29
N LEU C 257 -8.74 -9.01 -6.70
CA LEU C 257 -8.55 -7.71 -7.31
C LEU C 257 -8.86 -7.72 -8.80
N ILE C 258 -9.17 -8.90 -9.32
CA ILE C 258 -9.75 -9.00 -10.67
C ILE C 258 -11.20 -8.49 -10.67
N LYS C 259 -11.98 -8.96 -9.69
CA LYS C 259 -13.36 -8.49 -9.50
C LYS C 259 -13.38 -6.99 -9.24
N HIS C 260 -12.56 -6.55 -8.28
CA HIS C 260 -12.52 -5.15 -7.83
C HIS C 260 -11.51 -4.26 -8.56
N TRP C 261 -11.22 -4.60 -9.81
CA TRP C 261 -10.27 -3.87 -10.63
C TRP C 261 -10.58 -2.38 -10.68
N SER D 1 -4.78 -34.93 -13.63
CA SER D 1 -5.84 -35.82 -14.18
C SER D 1 -5.48 -35.89 -15.65
N GLY D 2 -4.51 -35.04 -15.96
CA GLY D 2 -3.84 -35.14 -17.21
C GLY D 2 -2.74 -36.16 -17.01
N PHE D 3 -1.58 -35.66 -16.63
CA PHE D 3 -0.46 -36.54 -16.63
C PHE D 3 -0.32 -37.03 -15.22
N SER D 4 0.34 -38.17 -15.00
CA SER D 4 0.49 -38.73 -13.66
C SER D 4 1.55 -39.85 -13.67
N ALA D 5 2.02 -40.31 -12.51
CA ALA D 5 3.03 -41.41 -12.49
C ALA D 5 2.48 -42.69 -13.16
N GLU D 6 1.21 -42.86 -12.98
CA GLU D 6 0.53 -44.03 -13.48
CA GLU D 6 0.57 -44.08 -13.50
C GLU D 6 0.54 -44.07 -15.05
N LYS D 7 0.24 -42.93 -15.67
CA LYS D 7 0.43 -42.82 -17.15
C LYS D 7 1.90 -43.02 -17.57
N TYR D 8 2.83 -42.54 -16.74
CA TYR D 8 4.27 -42.71 -17.04
C TYR D 8 4.59 -44.19 -17.09
N GLU D 9 3.96 -44.94 -16.18
CA GLU D 9 4.18 -46.39 -16.21
C GLU D 9 3.47 -47.07 -17.37
N GLN D 10 2.32 -46.61 -17.79
CA GLN D 10 1.75 -47.20 -19.06
C GLN D 10 2.62 -47.05 -20.34
N ILE D 11 3.35 -45.94 -20.41
CA ILE D 11 4.18 -45.65 -21.56
C ILE D 11 5.31 -46.68 -21.77
N GLN D 12 5.45 -47.22 -22.98
CA GLN D 12 6.43 -48.27 -23.21
C GLN D 12 7.48 -47.99 -24.24
N PHE D 13 8.69 -48.47 -24.03
CA PHE D 13 9.67 -48.43 -25.06
C PHE D 13 9.16 -49.04 -26.37
N GLY D 14 9.48 -48.39 -27.49
CA GLY D 14 8.98 -48.77 -28.81
C GLY D 14 7.69 -48.11 -29.26
N MET D 15 6.95 -47.51 -28.34
CA MET D 15 5.70 -46.83 -28.68
C MET D 15 5.94 -45.59 -29.55
N THR D 16 4.92 -45.23 -30.33
CA THR D 16 5.06 -44.18 -31.35
C THR D 16 4.76 -42.85 -30.63
N PHE D 17 5.10 -41.74 -31.28
CA PHE D 17 4.79 -40.44 -30.75
C PHE D 17 3.26 -40.33 -30.40
N ASP D 18 2.41 -40.78 -31.32
CA ASP D 18 0.98 -40.66 -31.06
C ASP D 18 0.48 -41.54 -29.92
N GLU D 19 1.07 -42.70 -29.70
CA GLU D 19 0.64 -43.55 -28.59
C GLU D 19 1.05 -42.88 -27.27
N VAL D 20 2.33 -42.44 -27.20
CA VAL D 20 2.78 -41.73 -25.99
C VAL D 20 1.98 -40.50 -25.70
N TRP D 21 1.79 -39.65 -26.72
CA TRP D 21 0.95 -38.47 -26.58
C TRP D 21 -0.45 -38.83 -26.02
N GLU D 22 -1.10 -39.84 -26.57
CA GLU D 22 -2.43 -40.16 -26.03
C GLU D 22 -2.38 -40.81 -24.66
N ILE D 23 -1.45 -41.71 -24.36
CA ILE D 23 -1.39 -42.20 -22.96
C ILE D 23 -1.08 -41.05 -22.02
N GLY D 24 -0.25 -40.11 -22.43
CA GLY D 24 0.19 -39.00 -21.56
C GLY D 24 -0.85 -37.92 -21.21
N GLY D 25 -1.88 -37.77 -22.00
CA GLY D 25 -2.88 -36.78 -21.69
C GLY D 25 -3.08 -35.86 -22.86
N GLY D 26 -2.43 -36.14 -23.97
CA GLY D 26 -2.62 -35.22 -25.10
C GLY D 26 -2.30 -33.76 -24.82
N GLU D 27 -3.02 -32.90 -25.55
CA GLU D 27 -2.80 -31.49 -25.55
C GLU D 27 -2.97 -30.88 -24.20
N ALA D 28 -3.86 -31.45 -23.39
CA ALA D 28 -4.17 -30.93 -22.05
C ALA D 28 -2.95 -30.94 -21.09
N ALA D 29 -2.20 -32.05 -21.08
CA ALA D 29 -1.12 -32.24 -20.11
C ALA D 29 0.29 -32.13 -20.69
N CYS D 30 0.42 -32.29 -22.01
CA CYS D 30 1.70 -32.40 -22.70
C CYS D 30 2.01 -31.32 -23.72
N ASP D 31 3.32 -31.12 -23.95
CA ASP D 31 3.83 -30.10 -24.86
C ASP D 31 4.83 -30.78 -25.77
N THR D 32 5.00 -30.24 -26.98
CA THR D 32 6.05 -30.71 -27.86
C THR D 32 6.47 -29.46 -28.55
N GLY D 33 7.53 -29.48 -29.31
CA GLY D 33 7.94 -28.28 -30.04
C GLY D 33 8.77 -27.26 -29.22
N GLY D 34 9.19 -26.18 -29.89
CA GLY D 34 9.94 -25.10 -29.17
C GLY D 34 11.20 -25.78 -28.62
N VAL D 35 11.58 -25.42 -27.39
CA VAL D 35 12.82 -25.93 -26.75
C VAL D 35 12.75 -27.46 -26.49
N ILE D 36 11.55 -28.05 -26.61
CA ILE D 36 11.32 -29.49 -26.40
C ILE D 36 11.63 -30.29 -27.65
N GLY D 37 11.54 -29.63 -28.80
CA GLY D 37 11.80 -30.30 -30.10
C GLY D 37 10.84 -31.45 -30.41
N ASP D 38 11.35 -32.52 -31.05
CA ASP D 38 10.54 -33.67 -31.45
C ASP D 38 10.00 -34.50 -30.28
N SER D 39 10.49 -34.23 -29.08
CA SER D 39 10.16 -34.96 -27.88
C SER D 39 8.85 -34.47 -27.27
N ILE D 40 8.43 -35.12 -26.15
CA ILE D 40 7.22 -34.76 -25.40
C ILE D 40 7.60 -34.51 -23.95
N LEU D 41 7.05 -33.45 -23.36
CA LEU D 41 7.09 -33.18 -21.93
C LEU D 41 5.63 -33.13 -21.46
N CYS D 42 5.26 -33.96 -20.46
CA CYS D 42 3.96 -33.81 -19.78
C CYS D 42 4.12 -33.37 -18.28
N PHE D 43 3.23 -32.52 -17.79
CA PHE D 43 3.31 -31.99 -16.40
C PHE D 43 2.08 -32.36 -15.62
N THR D 44 2.23 -32.58 -14.31
CA THR D 44 1.12 -33.20 -13.55
C THR D 44 0.15 -32.16 -13.10
N GLU D 45 0.57 -30.90 -13.09
CA GLU D 45 -0.24 -29.75 -12.73
C GLU D 45 0.64 -28.60 -13.15
N SER D 46 0.14 -27.37 -13.08
CA SER D 46 1.02 -26.22 -13.33
C SER D 46 1.51 -25.78 -11.98
N GLY D 47 2.30 -24.75 -11.92
CA GLY D 47 2.96 -24.51 -10.63
C GLY D 47 4.44 -24.65 -10.86
N ASP D 48 5.22 -23.91 -10.09
CA ASP D 48 6.68 -23.90 -10.15
C ASP D 48 7.08 -25.34 -9.79
N TYR D 49 8.05 -25.91 -10.50
CA TYR D 49 8.57 -27.23 -10.14
C TYR D 49 7.52 -28.32 -10.17
N ALA D 50 6.50 -28.17 -11.02
CA ALA D 50 5.49 -29.21 -11.21
C ALA D 50 6.20 -30.47 -11.63
N PRO D 51 5.81 -31.63 -11.08
CA PRO D 51 6.33 -32.94 -11.52
C PRO D 51 6.16 -33.21 -13.02
N TYR D 52 7.06 -33.95 -13.69
CA TYR D 52 6.95 -34.02 -15.14
C TYR D 52 7.52 -35.32 -15.60
N GLY D 53 7.10 -35.74 -16.81
CA GLY D 53 7.72 -36.87 -17.52
C GLY D 53 8.13 -36.40 -18.88
N GLY D 54 9.32 -36.84 -19.36
CA GLY D 54 9.81 -36.48 -20.71
C GLY D 54 10.06 -37.75 -21.54
N PHE D 55 9.75 -37.68 -22.84
CA PHE D 55 9.79 -38.84 -23.74
C PHE D 55 10.49 -38.49 -25.07
N SER D 56 11.47 -39.25 -25.49
CA SER D 56 12.17 -38.94 -26.75
C SER D 56 12.12 -40.15 -27.63
N PHE D 57 12.14 -39.94 -28.96
CA PHE D 57 11.79 -40.93 -30.03
C PHE D 57 12.94 -41.05 -30.95
N THR D 58 13.16 -42.23 -31.52
CA THR D 58 14.18 -42.35 -32.54
C THR D 58 13.72 -41.75 -33.87
N ASP D 59 14.68 -41.65 -34.80
CA ASP D 59 14.43 -41.16 -36.16
C ASP D 59 13.40 -42.05 -36.76
N GLU D 60 13.27 -43.26 -36.24
CA GLU D 60 12.25 -44.16 -36.75
C GLU D 60 10.94 -43.96 -36.07
N GLY D 61 10.79 -43.05 -35.12
CA GLY D 61 9.46 -42.85 -34.52
C GLY D 61 9.21 -43.63 -33.20
N GLU D 62 10.20 -44.36 -32.71
CA GLU D 62 10.00 -45.21 -31.49
C GLU D 62 10.59 -44.68 -30.19
N LEU D 63 9.84 -44.81 -29.09
CA LEU D 63 10.21 -44.28 -27.79
C LEU D 63 11.47 -45.03 -27.29
N TRP D 64 12.58 -44.30 -27.12
CA TRP D 64 13.83 -44.87 -26.61
C TRP D 64 14.16 -44.35 -25.22
N SER D 65 13.50 -43.27 -24.76
CA SER D 65 13.89 -42.61 -23.51
C SER D 65 12.72 -42.15 -22.68
N LYS D 66 12.74 -42.45 -21.37
CA LYS D 66 11.67 -41.97 -20.49
C LYS D 66 12.43 -41.29 -19.38
N ARG D 67 11.98 -40.11 -18.94
CA ARG D 67 12.64 -39.52 -17.79
C ARG D 67 11.63 -38.80 -16.96
N ASN D 68 11.92 -38.51 -15.67
CA ASN D 68 11.04 -37.63 -14.88
C ASN D 68 11.72 -37.05 -13.67
N GLU D 69 11.16 -35.97 -13.13
CA GLU D 69 11.52 -35.59 -11.78
C GLU D 69 10.26 -35.40 -10.99
N TYR D 70 10.23 -35.97 -9.79
CA TYR D 70 9.19 -35.72 -8.77
C TYR D 70 7.90 -36.45 -9.02
N LEU D 71 7.90 -37.35 -9.98
CA LEU D 71 6.68 -38.16 -10.12
C LEU D 71 6.53 -39.12 -8.96
N TYR D 72 7.68 -39.50 -8.32
CA TYR D 72 7.74 -40.30 -7.14
C TYR D 72 8.58 -39.60 -6.03
N LYS D 73 8.35 -40.01 -4.78
CA LYS D 73 9.02 -39.45 -3.59
C LYS D 73 9.61 -40.65 -2.85
N ALA D 74 10.84 -40.51 -2.42
CA ALA D 74 11.42 -41.57 -1.62
C ALA D 74 10.43 -42.00 -0.48
N LYS D 75 10.26 -43.27 -0.24
CA LYS D 75 9.48 -43.73 0.89
C LYS D 75 10.20 -43.28 2.16
N THR D 76 11.54 -43.38 2.20
CA THR D 76 12.27 -43.06 3.48
C THR D 76 13.57 -42.29 3.24
N PRO D 77 13.49 -40.98 3.05
CA PRO D 77 14.66 -40.19 2.77
C PRO D 77 15.64 -40.36 3.95
N SER D 78 16.86 -40.86 3.68
CA SER D 78 17.70 -41.32 4.75
C SER D 78 19.12 -41.59 4.29
N VAL D 79 19.45 -41.26 3.05
CA VAL D 79 20.76 -41.43 2.59
C VAL D 79 21.73 -40.50 3.35
N LYS D 80 22.87 -41.09 3.77
CA LYS D 80 23.97 -40.42 4.44
C LYS D 80 25.20 -40.34 3.53
N LEU D 81 26.07 -39.36 3.75
CA LEU D 81 27.34 -39.32 3.04
C LEU D 81 28.15 -40.60 3.33
N SER D 82 27.97 -41.15 4.53
CA SER D 82 28.50 -42.47 4.80
C SER D 82 28.19 -43.52 3.70
N HIS D 83 26.88 -43.69 3.40
CA HIS D 83 26.40 -44.53 2.31
C HIS D 83 27.15 -44.22 0.99
N TYR D 84 27.13 -42.94 0.63
CA TYR D 84 27.72 -42.49 -0.63
C TYR D 84 29.20 -42.84 -0.76
N ASN D 85 29.93 -42.62 0.33
CA ASN D 85 31.36 -42.98 0.37
C ASN D 85 31.62 -44.42 0.14
N ARG D 86 30.60 -45.29 0.24
CA ARG D 86 30.85 -46.70 -0.03
C ARG D 86 30.24 -47.18 -1.36
N THR D 87 30.14 -46.25 -2.34
CA THR D 87 29.72 -46.56 -3.70
C THR D 87 30.91 -46.24 -4.59
N ALA D 88 31.02 -46.93 -5.72
CA ALA D 88 32.16 -46.71 -6.61
C ALA D 88 31.76 -47.14 -8.01
N LEU D 89 32.27 -46.42 -9.03
CA LEU D 89 32.04 -46.82 -10.41
C LEU D 89 32.42 -48.25 -10.62
N GLY D 90 31.60 -48.98 -11.36
CA GLY D 90 31.87 -50.39 -11.60
C GLY D 90 31.14 -51.31 -10.62
N MET D 91 30.50 -50.80 -9.57
CA MET D 91 29.80 -51.76 -8.67
C MET D 91 28.52 -52.13 -9.36
N THR D 92 27.98 -53.32 -9.11
CA THR D 92 26.74 -53.71 -9.74
C THR D 92 25.57 -53.03 -9.01
N GLU D 93 24.42 -53.09 -9.63
CA GLU D 93 23.26 -52.49 -9.03
C GLU D 93 22.91 -53.11 -7.67
N ALA D 94 23.06 -54.43 -7.55
CA ALA D 94 22.82 -55.09 -6.22
C ALA D 94 23.85 -54.56 -5.20
N GLN D 95 25.10 -54.49 -5.63
CA GLN D 95 26.10 -53.85 -4.75
C GLN D 95 25.68 -52.45 -4.34
N LEU D 96 25.16 -51.66 -5.27
CA LEU D 96 24.61 -50.33 -4.92
C LEU D 96 23.52 -50.34 -3.86
N TRP D 97 22.50 -51.18 -4.02
CA TRP D 97 21.48 -51.25 -3.07
C TRP D 97 21.90 -51.92 -1.72
N ALA D 98 23.06 -52.54 -1.66
CA ALA D 98 23.55 -53.03 -0.38
C ALA D 98 24.27 -51.86 0.32
N ALA D 99 24.73 -50.88 -0.44
CA ALA D 99 25.44 -49.74 0.16
C ALA D 99 24.52 -48.54 0.56
N VAL D 100 23.41 -48.35 -0.17
CA VAL D 100 22.56 -47.14 -0.06
C VAL D 100 21.17 -47.67 0.15
N PRO D 101 20.40 -47.12 1.08
CA PRO D 101 19.06 -47.68 1.37
C PRO D 101 18.11 -47.37 0.16
N LYS D 102 17.63 -48.41 -0.50
CA LYS D 102 16.86 -48.14 -1.73
C LYS D 102 15.55 -47.40 -1.43
N ASP D 103 15.01 -47.47 -0.20
CA ASP D 103 13.83 -46.68 0.19
C ASP D 103 14.11 -45.21 0.29
N SER D 104 15.36 -44.85 0.11
CA SER D 104 15.68 -43.45 0.16
C SER D 104 15.77 -42.83 -1.28
N CYS D 105 15.43 -43.59 -2.32
CA CYS D 105 15.71 -43.23 -3.73
C CYS D 105 14.48 -43.47 -4.60
N VAL D 106 14.46 -42.81 -5.73
CA VAL D 106 13.40 -43.05 -6.72
C VAL D 106 14.06 -43.04 -8.08
N SER D 107 13.44 -43.66 -9.10
CA SER D 107 13.91 -43.50 -10.51
C SER D 107 13.53 -42.17 -11.16
N GLN D 108 14.50 -41.55 -11.83
CA GLN D 108 14.24 -40.37 -12.62
C GLN D 108 14.49 -40.65 -14.16
N GLY D 109 14.80 -41.88 -14.57
CA GLY D 109 14.55 -42.24 -15.94
C GLY D 109 15.12 -43.57 -16.34
N GLU D 110 14.76 -44.04 -17.53
CA GLU D 110 15.33 -45.29 -18.10
C GLU D 110 15.45 -45.07 -19.59
N SER D 111 16.54 -45.51 -20.23
CA SER D 111 16.62 -45.28 -21.67
C SER D 111 17.47 -46.33 -22.36
N TYR D 112 17.24 -46.47 -23.65
CA TYR D 112 17.95 -47.39 -24.51
C TYR D 112 18.59 -46.56 -25.68
N PRO D 113 19.77 -46.06 -25.46
CA PRO D 113 20.42 -45.14 -26.37
C PRO D 113 20.76 -45.83 -27.67
N ASN D 114 20.73 -47.16 -27.73
CA ASN D 114 20.99 -47.93 -28.97
C ASN D 114 19.69 -48.52 -29.54
N TRP D 115 18.54 -48.04 -29.09
CA TRP D 115 17.29 -48.67 -29.52
C TRP D 115 17.37 -48.76 -31.09
N PRO D 116 17.03 -49.93 -31.68
CA PRO D 116 16.30 -51.04 -31.09
C PRO D 116 17.15 -52.14 -30.45
N ALA D 117 18.47 -51.98 -30.40
CA ALA D 117 19.26 -52.87 -29.59
C ALA D 117 19.07 -52.41 -28.18
N LYS D 118 19.24 -53.34 -27.24
CA LYS D 118 18.94 -53.07 -25.85
C LYS D 118 20.21 -52.94 -25.02
N THR D 119 21.40 -53.08 -25.60
CA THR D 119 22.66 -52.92 -24.88
C THR D 119 22.87 -51.44 -24.52
N GLY D 120 23.48 -51.15 -23.39
CA GLY D 120 23.69 -49.80 -22.88
C GLY D 120 22.50 -49.15 -22.22
N PHE D 121 21.55 -49.94 -21.75
CA PHE D 121 20.36 -49.42 -21.06
C PHE D 121 20.80 -48.66 -19.81
N GLU D 122 20.16 -47.52 -19.55
CA GLU D 122 20.64 -46.62 -18.56
C GLU D 122 19.52 -46.32 -17.58
N GLU D 123 19.79 -46.42 -16.27
CA GLU D 123 18.82 -46.02 -15.32
C GLU D 123 19.39 -44.92 -14.45
N LYS D 124 18.51 -44.05 -13.99
CA LYS D 124 18.90 -42.88 -13.26
C LYS D 124 18.14 -42.88 -11.93
N TYR D 125 18.90 -42.86 -10.83
CA TYR D 125 18.30 -42.77 -9.50
C TYR D 125 18.71 -41.48 -8.79
N TYR D 126 17.75 -40.99 -8.00
CA TYR D 126 17.85 -39.78 -7.22
C TYR D 126 17.47 -40.16 -5.78
N CYS D 127 18.34 -39.82 -4.83
CA CYS D 127 18.15 -40.24 -3.43
C CYS D 127 18.19 -39.03 -2.51
N ALA D 128 17.02 -38.61 -2.04
CA ALA D 128 16.84 -37.50 -1.12
C ALA D 128 17.26 -37.89 0.29
N ALA D 129 17.99 -37.01 0.96
CA ALA D 129 18.45 -37.27 2.34
C ALA D 129 17.35 -36.82 3.27
N ALA D 130 16.41 -36.05 2.78
CA ALA D 130 15.35 -35.44 3.62
C ALA D 130 14.13 -35.05 2.76
N THR D 131 12.99 -34.82 3.42
CA THR D 131 11.79 -34.36 2.74
C THR D 131 11.98 -32.90 2.35
N GLY D 132 11.07 -32.36 1.55
CA GLY D 132 11.16 -30.95 1.09
C GLY D 132 11.60 -30.86 -0.35
N LEU D 133 11.83 -29.64 -0.84
CA LEU D 133 11.96 -29.42 -2.29
C LEU D 133 13.32 -29.82 -2.93
N PHE D 134 14.36 -29.19 -2.39
CA PHE D 134 15.71 -29.37 -2.88
C PHE D 134 16.56 -29.79 -1.68
N PRO D 135 16.30 -30.95 -1.10
CA PRO D 135 17.18 -31.41 0.01
C PRO D 135 18.61 -31.81 -0.41
N PRO D 136 19.57 -31.95 0.55
CA PRO D 136 20.76 -32.68 0.15
C PRO D 136 20.40 -33.95 -0.59
N SER D 137 21.24 -34.38 -1.51
CA SER D 137 20.93 -35.65 -2.15
C SER D 137 22.12 -36.36 -2.77
N ALA D 138 21.87 -37.57 -3.25
CA ALA D 138 22.83 -38.28 -4.11
C ALA D 138 22.12 -38.74 -5.34
N SER D 139 22.88 -38.85 -6.43
CA SER D 139 22.38 -39.39 -7.70
C SER D 139 23.30 -40.42 -8.19
N PHE D 140 22.68 -41.47 -8.75
CA PHE D 140 23.40 -42.58 -9.33
C PHE D 140 22.86 -42.99 -10.75
N HIS D 141 23.76 -43.27 -11.70
CA HIS D 141 23.36 -43.79 -13.00
C HIS D 141 24.08 -45.12 -13.21
N LEU D 142 23.34 -46.09 -13.75
CA LEU D 142 23.82 -47.42 -14.02
C LEU D 142 23.59 -47.67 -15.52
N THR D 143 24.49 -48.44 -16.12
CA THR D 143 24.33 -48.78 -17.52
C THR D 143 24.43 -50.30 -17.52
N ASP D 144 23.43 -50.93 -18.11
CA ASP D 144 23.32 -52.42 -18.04
C ASP D 144 23.61 -52.94 -16.60
N GLY D 145 23.08 -52.30 -15.54
CA GLY D 145 23.21 -52.81 -14.18
C GLY D 145 24.56 -52.54 -13.56
N VAL D 146 25.35 -51.60 -14.10
CA VAL D 146 26.66 -51.29 -13.51
C VAL D 146 26.75 -49.77 -13.22
N LEU D 147 27.24 -49.40 -12.04
CA LEU D 147 27.39 -47.98 -11.76
C LEU D 147 28.40 -47.26 -12.67
N THR D 148 27.92 -46.20 -13.33
CA THR D 148 28.80 -45.44 -14.25
C THR D 148 28.73 -43.96 -14.01
N TYR D 149 27.89 -43.53 -13.08
CA TYR D 149 27.88 -42.13 -12.62
C TYR D 149 27.46 -42.03 -11.17
N ARG D 150 28.16 -41.24 -10.40
CA ARG D 150 27.71 -41.01 -9.01
C ARG D 150 27.95 -39.55 -8.63
N TYR D 151 27.01 -38.95 -7.94
CA TYR D 151 27.19 -37.55 -7.56
C TYR D 151 26.42 -37.31 -6.26
N GLN D 152 26.90 -36.35 -5.46
CA GLN D 152 26.13 -35.98 -4.23
C GLN D 152 26.19 -34.49 -4.04
N ARG D 153 25.17 -33.91 -3.47
CA ARG D 153 25.24 -32.47 -3.07
C ARG D 153 24.83 -32.34 -1.62
N SER D 154 25.72 -31.81 -0.78
CA SER D 154 25.49 -31.42 0.62
C SER D 154 25.09 -32.48 1.59
N LEU D 155 25.37 -33.75 1.29
CA LEU D 155 25.04 -34.84 2.20
C LEU D 155 25.77 -34.68 3.51
N THR D 156 25.14 -35.00 4.63
CA THR D 156 25.88 -35.24 5.89
C THR D 156 26.05 -36.76 6.19
#